data_5DHS
#
_entry.id   5DHS
#
_cell.length_a   66.770
_cell.length_b   118.950
_cell.length_c   66.900
_cell.angle_alpha   90.000
_cell.angle_beta   100.140
_cell.angle_gamma   90.000
#
_symmetry.space_group_name_H-M   'P 1 21 1'
#
loop_
_entity.id
_entity.type
_entity.pdbx_description
1 polymer 'NAD kinase 1'
2 non-polymer 'CITRIC ACID'
3 non-polymer GLYCEROL
4 non-polymer "5'-azido-5'-deoxy-8-[(2-{[2-(3-ethynylphenyl)ethyl]amino}-2-oxoethyl)sulfanyl]adenosine"
5 water water
#
_entity_poly.entity_id   1
_entity_poly.type   'polypeptide(L)'
_entity_poly.pdbx_seq_one_letter_code
;MKYMITSKGDEKSDLLRLNMIAGFGEYDMEYDDVEPEIVISIGGDGTFLSAFHQYEERLDEIAFIGIHTGHLGFYADWRP
AEADKLVKLLAKGEYQKVSYPLLKTTVKYGIGKKEATYLALNESTVKSSGGPFVVDVVINDIHFERFRGDGLCMSTPSGT
TAYNKSLGGALMHPSIEAMQLTEMASINNRVYRTIGSPLVFPKHHVVSLQPVNDKDFQISVDHLSILHRDVQEIRYEVSA
KKIHFARFRSFPFWRRVHDSFIEDLEHHHHHH
;
_entity_poly.pdbx_strand_id   A,B,C,D
#
loop_
_chem_comp.id
_chem_comp.type
_chem_comp.name
_chem_comp.formula
5AG non-polymer 5'-azido-5'-deoxy-8-[(2-{[2-(3-ethynylphenyl)ethyl]amino}-2-oxoethyl)sulfanyl]adenosine 'C22 H23 N9 O4 S'
CIT non-polymer 'CITRIC ACID' 'C6 H8 O7'
GOL non-polymer GLYCEROL 'C3 H8 O3'
#
# COMPACT_ATOMS: atom_id res chain seq x y z
N MET A 1 46.08 -12.95 9.18
CA MET A 1 45.30 -14.08 9.68
C MET A 1 44.63 -14.85 8.53
N LYS A 2 43.90 -15.90 8.89
CA LYS A 2 43.24 -16.77 7.93
C LYS A 2 42.05 -16.12 7.21
N TYR A 3 42.25 -15.80 5.94
CA TYR A 3 41.21 -15.17 5.14
C TYR A 3 40.86 -15.99 3.90
N MET A 4 39.92 -15.48 3.12
CA MET A 4 39.52 -16.11 1.86
C MET A 4 38.72 -15.11 1.04
N ILE A 5 38.53 -15.40 -0.23
CA ILE A 5 37.79 -14.51 -1.12
C ILE A 5 36.89 -15.28 -2.08
N THR A 6 35.63 -14.86 -2.17
CA THR A 6 34.71 -15.44 -3.15
C THR A 6 34.55 -14.48 -4.32
N SER A 7 34.37 -15.02 -5.52
CA SER A 7 34.25 -14.19 -6.71
C SER A 7 32.92 -14.41 -7.41
N LYS A 8 32.44 -13.36 -8.08
CA LYS A 8 31.18 -13.42 -8.80
C LYS A 8 31.23 -14.44 -9.94
N GLY A 9 32.21 -14.28 -10.82
CA GLY A 9 32.35 -15.19 -11.95
C GLY A 9 32.91 -14.50 -13.19
N ASP A 10 32.64 -13.21 -13.31
CA ASP A 10 33.11 -12.42 -14.43
C ASP A 10 34.61 -12.20 -14.36
N GLU A 11 35.19 -11.67 -15.43
CA GLU A 11 36.63 -11.46 -15.50
C GLU A 11 37.08 -10.37 -14.53
N LYS A 12 36.25 -9.34 -14.37
CA LYS A 12 36.58 -8.22 -13.50
C LYS A 12 36.74 -8.64 -12.04
N SER A 13 35.86 -9.54 -11.58
CA SER A 13 35.90 -10.01 -10.21
C SER A 13 37.04 -11.00 -9.98
N ASP A 14 37.26 -11.89 -10.94
CA ASP A 14 38.32 -12.88 -10.84
C ASP A 14 39.69 -12.22 -10.89
N LEU A 15 39.78 -11.15 -11.68
CA LEU A 15 41.01 -10.40 -11.82
C LEU A 15 41.36 -9.69 -10.51
N LEU A 16 40.37 -9.02 -9.93
CA LEU A 16 40.55 -8.31 -8.67
C LEU A 16 40.88 -9.26 -7.53
N ARG A 17 40.36 -10.48 -7.62
CA ARG A 17 40.59 -11.49 -6.60
C ARG A 17 42.07 -11.86 -6.48
N LEU A 18 42.67 -12.25 -7.60
CA LEU A 18 44.06 -12.65 -7.64
C LEU A 18 45.00 -11.54 -7.15
N ASN A 19 44.71 -10.31 -7.54
CA ASN A 19 45.54 -9.16 -7.15
C ASN A 19 45.47 -8.88 -5.66
N MET A 20 44.36 -9.26 -5.02
CA MET A 20 44.22 -9.07 -3.59
C MET A 20 44.89 -10.20 -2.82
N ILE A 21 44.80 -11.42 -3.36
CA ILE A 21 45.45 -12.56 -2.75
C ILE A 21 46.96 -12.33 -2.77
N ALA A 22 47.43 -11.72 -3.86
CA ALA A 22 48.84 -11.34 -3.99
C ALA A 22 49.19 -10.29 -2.95
N GLY A 23 48.46 -9.17 -3.00
CA GLY A 23 48.52 -8.14 -1.98
C GLY A 23 48.58 -8.64 -0.56
N PHE A 24 47.84 -9.71 -0.27
CA PHE A 24 47.80 -10.29 1.07
C PHE A 24 49.00 -11.19 1.32
N GLY A 25 49.83 -11.37 0.30
CA GLY A 25 51.04 -12.16 0.43
C GLY A 25 52.19 -11.32 0.95
N GLU A 26 52.03 -9.99 0.86
CA GLU A 26 53.05 -9.07 1.33
C GLU A 26 52.96 -8.90 2.84
N TYR A 27 51.91 -9.46 3.43
CA TYR A 27 51.67 -9.38 4.87
C TYR A 27 51.45 -10.75 5.49
N ASP A 28 51.04 -10.75 6.77
CA ASP A 28 50.77 -11.98 7.50
C ASP A 28 49.35 -12.47 7.28
N MET A 29 48.99 -12.69 6.01
CA MET A 29 47.67 -13.17 5.66
C MET A 29 47.70 -14.57 5.02
N GLU A 30 47.07 -15.53 5.67
CA GLU A 30 47.02 -16.91 5.17
C GLU A 30 45.69 -17.21 4.49
N TYR A 31 45.75 -17.64 3.24
CA TYR A 31 44.54 -17.98 2.51
C TYR A 31 43.97 -19.32 2.94
N ASP A 32 42.78 -19.31 3.54
CA ASP A 32 42.13 -20.53 3.98
C ASP A 32 40.62 -20.43 3.77
N ASP A 33 40.07 -21.34 2.96
CA ASP A 33 38.64 -21.34 2.68
C ASP A 33 37.92 -22.39 3.51
N VAL A 34 38.59 -22.91 4.53
CA VAL A 34 37.99 -23.89 5.43
C VAL A 34 37.75 -23.28 6.80
N GLU A 35 38.75 -22.57 7.32
CA GLU A 35 38.63 -21.89 8.61
C GLU A 35 39.12 -20.45 8.52
N PRO A 36 38.40 -19.60 7.77
CA PRO A 36 38.81 -18.21 7.60
C PRO A 36 38.37 -17.34 8.78
N GLU A 37 38.94 -16.14 8.88
CA GLU A 37 38.55 -15.19 9.90
C GLU A 37 37.98 -13.96 9.22
N ILE A 38 38.31 -13.82 7.94
CA ILE A 38 37.83 -12.72 7.12
C ILE A 38 37.42 -13.22 5.74
N VAL A 39 36.12 -13.11 5.43
CA VAL A 39 35.63 -13.53 4.12
C VAL A 39 35.32 -12.30 3.29
N ILE A 40 35.96 -12.20 2.12
CA ILE A 40 35.77 -11.07 1.23
C ILE A 40 34.96 -11.48 0.01
N SER A 41 33.82 -10.83 -0.18
CA SER A 41 32.97 -11.10 -1.32
C SER A 41 33.15 -10.05 -2.41
N ILE A 42 33.44 -10.50 -3.63
CA ILE A 42 33.65 -9.60 -4.74
C ILE A 42 32.60 -9.82 -5.83
N GLY A 43 31.75 -8.82 -6.04
CA GLY A 43 30.69 -8.93 -7.03
C GLY A 43 29.49 -8.06 -6.69
N GLY A 44 28.50 -8.66 -6.03
CA GLY A 44 27.30 -7.94 -5.64
C GLY A 44 26.69 -8.48 -4.37
N ASP A 45 25.47 -8.06 -4.08
CA ASP A 45 24.74 -8.52 -2.90
C ASP A 45 24.37 -10.00 -3.03
N GLY A 46 24.02 -10.42 -4.24
CA GLY A 46 23.70 -11.80 -4.49
C GLY A 46 24.91 -12.69 -4.27
N THR A 47 26.09 -12.17 -4.61
CA THR A 47 27.34 -12.87 -4.37
C THR A 47 27.61 -12.93 -2.87
N PHE A 48 27.27 -11.84 -2.18
CA PHE A 48 27.46 -11.75 -0.74
C PHE A 48 26.59 -12.76 0.00
N LEU A 49 25.39 -12.99 -0.52
CA LEU A 49 24.47 -13.95 0.07
C LEU A 49 25.02 -15.37 0.00
N SER A 50 25.71 -15.67 -1.10
CA SER A 50 26.33 -16.98 -1.27
C SER A 50 27.47 -17.20 -0.29
N ALA A 51 28.26 -16.14 -0.08
CA ALA A 51 29.39 -16.20 0.84
C ALA A 51 28.93 -16.33 2.29
N PHE A 52 27.73 -15.83 2.57
CA PHE A 52 27.15 -15.91 3.91
C PHE A 52 26.72 -17.33 4.24
N HIS A 53 25.99 -17.94 3.31
CA HIS A 53 25.48 -19.30 3.51
C HIS A 53 26.59 -20.33 3.38
N GLN A 54 27.69 -19.93 2.76
CA GLN A 54 28.84 -20.81 2.60
C GLN A 54 29.54 -21.01 3.94
N TYR A 55 29.35 -20.06 4.84
CA TYR A 55 29.98 -20.10 6.15
C TYR A 55 29.00 -19.73 7.25
N GLU A 56 27.81 -20.32 7.22
CA GLU A 56 26.79 -20.01 8.23
C GLU A 56 27.03 -20.75 9.53
N GLU A 57 27.95 -21.72 9.52
CA GLU A 57 28.32 -22.43 10.73
C GLU A 57 29.45 -21.72 11.46
N ARG A 58 30.22 -20.91 10.72
CA ARG A 58 31.33 -20.17 11.31
C ARG A 58 31.10 -18.67 11.29
N LEU A 59 29.87 -18.26 11.56
CA LEU A 59 29.54 -16.83 11.55
C LEU A 59 30.15 -16.08 12.72
N ASP A 60 30.45 -16.79 13.80
CA ASP A 60 30.95 -16.18 15.01
C ASP A 60 32.42 -15.77 14.91
N GLU A 61 33.14 -16.37 13.97
CA GLU A 61 34.57 -16.14 13.84
C GLU A 61 34.93 -15.44 12.53
N ILE A 62 33.93 -15.03 11.78
CA ILE A 62 34.16 -14.42 10.48
C ILE A 62 33.62 -13.01 10.35
N ALA A 63 34.49 -12.09 9.93
CA ALA A 63 34.08 -10.73 9.62
C ALA A 63 34.01 -10.54 8.11
N PHE A 64 32.81 -10.33 7.59
CA PHE A 64 32.58 -10.26 6.15
C PHE A 64 32.90 -8.88 5.57
N ILE A 65 33.36 -8.86 4.33
CA ILE A 65 33.63 -7.63 3.61
C ILE A 65 33.15 -7.75 2.17
N GLY A 66 32.36 -6.78 1.72
CA GLY A 66 31.80 -6.82 0.38
C GLY A 66 32.39 -5.79 -0.56
N ILE A 67 32.69 -6.21 -1.77
CA ILE A 67 33.18 -5.31 -2.81
C ILE A 67 32.31 -5.42 -4.05
N HIS A 68 31.74 -4.30 -4.48
CA HIS A 68 30.85 -4.32 -5.64
C HIS A 68 31.60 -3.95 -6.92
N THR A 69 31.61 -4.87 -7.87
CA THR A 69 32.25 -4.62 -9.16
C THR A 69 31.31 -3.88 -10.10
N GLY A 70 30.03 -3.88 -9.76
CA GLY A 70 29.02 -3.18 -10.53
C GLY A 70 28.47 -1.99 -9.77
N HIS A 71 27.16 -1.93 -9.61
CA HIS A 71 26.52 -0.86 -8.88
C HIS A 71 26.62 -1.08 -7.37
N LEU A 72 26.44 0.00 -6.61
CA LEU A 72 26.55 -0.03 -5.16
C LEU A 72 25.49 -0.94 -4.54
N GLY A 73 25.93 -1.82 -3.64
CA GLY A 73 25.03 -2.71 -2.94
C GLY A 73 24.95 -2.40 -1.45
N PHE A 74 24.03 -3.07 -0.76
CA PHE A 74 23.87 -2.82 0.67
C PHE A 74 24.81 -3.66 1.53
N TYR A 75 25.40 -4.68 0.93
CA TYR A 75 26.39 -5.49 1.62
C TYR A 75 27.77 -5.25 1.02
N ALA A 76 27.82 -5.10 -0.29
CA ALA A 76 29.05 -4.76 -1.00
C ALA A 76 29.22 -3.25 -1.10
N ASP A 77 29.88 -2.67 -0.10
CA ASP A 77 30.00 -1.21 0.00
C ASP A 77 31.34 -0.69 -0.54
N TRP A 78 32.31 -1.58 -0.70
CA TRP A 78 33.65 -1.19 -1.11
C TRP A 78 33.81 -1.15 -2.62
N ARG A 79 34.45 -0.10 -3.14
CA ARG A 79 34.73 0.02 -4.57
C ARG A 79 35.98 -0.79 -4.94
N PRO A 80 36.02 -1.32 -6.17
CA PRO A 80 37.15 -2.12 -6.66
C PRO A 80 38.48 -1.37 -6.55
N ALA A 81 38.46 -0.07 -6.88
CA ALA A 81 39.67 0.75 -6.87
C ALA A 81 40.03 1.22 -5.46
N GLU A 82 39.55 0.49 -4.45
CA GLU A 82 39.91 0.76 -3.06
C GLU A 82 40.43 -0.50 -2.38
N ALA A 83 40.66 -1.53 -3.18
CA ALA A 83 41.12 -2.82 -2.63
C ALA A 83 42.54 -2.76 -2.06
N ASP A 84 43.38 -1.87 -2.58
CA ASP A 84 44.74 -1.70 -2.05
C ASP A 84 44.72 -1.22 -0.60
N LYS A 85 43.91 -0.20 -0.34
CA LYS A 85 43.82 0.37 1.01
C LYS A 85 43.09 -0.60 1.91
N LEU A 86 42.25 -1.44 1.32
CA LEU A 86 41.51 -2.44 2.07
C LEU A 86 42.48 -3.49 2.60
N VAL A 87 43.42 -3.90 1.75
CA VAL A 87 44.41 -4.90 2.10
C VAL A 87 45.33 -4.43 3.22
N LYS A 88 45.76 -3.18 3.14
CA LYS A 88 46.65 -2.61 4.15
C LYS A 88 45.95 -2.49 5.50
N LEU A 89 44.70 -2.06 5.48
CA LEU A 89 43.92 -1.94 6.70
C LEU A 89 43.58 -3.31 7.27
N LEU A 90 43.48 -4.30 6.38
CA LEU A 90 43.14 -5.66 6.81
C LEU A 90 44.37 -6.44 7.24
N ALA A 91 45.55 -5.84 7.07
CA ALA A 91 46.79 -6.51 7.44
C ALA A 91 47.23 -6.08 8.83
N LYS A 92 47.11 -4.78 9.10
CA LYS A 92 47.44 -4.23 10.41
C LYS A 92 46.43 -4.69 11.46
N GLY A 93 45.21 -4.98 11.02
CA GLY A 93 44.14 -5.36 11.92
C GLY A 93 43.44 -4.13 12.46
N GLU A 94 43.53 -3.03 11.70
CA GLU A 94 42.96 -1.76 12.12
C GLU A 94 41.52 -1.61 11.63
N TYR A 95 40.60 -2.30 12.30
CA TYR A 95 39.18 -2.24 11.97
C TYR A 95 38.30 -2.70 13.12
N GLN A 96 37.09 -2.16 13.19
CA GLN A 96 36.11 -2.57 14.20
C GLN A 96 35.05 -3.47 13.56
N LYS A 97 34.28 -4.17 14.39
CA LYS A 97 33.33 -5.16 13.90
C LYS A 97 31.87 -4.81 14.22
N VAL A 98 31.09 -4.53 13.18
CA VAL A 98 29.68 -4.23 13.33
C VAL A 98 28.84 -5.46 13.00
N SER A 99 27.82 -5.71 13.82
CA SER A 99 26.99 -6.91 13.67
C SER A 99 25.54 -6.62 13.30
N TYR A 100 25.00 -7.40 12.38
CA TYR A 100 23.59 -7.28 11.97
C TYR A 100 22.80 -8.51 12.43
N PRO A 101 21.54 -8.29 12.83
CA PRO A 101 20.66 -9.38 13.27
C PRO A 101 20.32 -10.33 12.13
N LEU A 102 19.92 -11.56 12.48
CA LEU A 102 19.56 -12.55 11.48
C LEU A 102 18.21 -13.18 11.79
N LEU A 103 17.62 -13.84 10.81
CA LEU A 103 16.32 -14.49 10.98
C LEU A 103 16.47 -16.00 11.06
N LYS A 104 15.86 -16.60 12.09
CA LYS A 104 15.87 -18.04 12.24
C LYS A 104 14.56 -18.63 11.75
N THR A 105 14.64 -19.52 10.77
CA THR A 105 13.46 -20.16 10.23
C THR A 105 13.41 -21.64 10.60
N THR A 106 12.38 -22.02 11.33
CA THR A 106 12.22 -23.41 11.73
C THR A 106 10.96 -24.01 11.12
N VAL A 107 11.13 -25.12 10.42
CA VAL A 107 10.01 -25.81 9.79
C VAL A 107 9.83 -27.17 10.45
N LYS A 108 8.59 -27.51 10.78
CA LYS A 108 8.29 -28.77 11.46
C LYS A 108 7.44 -29.65 10.57
N TYR A 109 7.60 -30.96 10.73
CA TYR A 109 6.94 -31.92 9.86
C TYR A 109 6.07 -32.90 10.66
N GLY A 110 5.53 -33.89 9.97
CA GLY A 110 4.65 -34.86 10.61
C GLY A 110 5.41 -36.01 11.21
N ILE A 111 6.11 -35.74 12.32
CA ILE A 111 6.90 -36.75 13.01
C ILE A 111 6.02 -37.63 13.89
N LYS A 113 10.78 -35.33 8.28
CA LYS A 113 10.99 -36.36 9.30
C LYS A 113 11.21 -35.76 10.67
N LYS A 114 12.23 -34.92 10.79
CA LYS A 114 12.54 -34.27 12.06
C LYS A 114 12.33 -32.76 11.98
N GLU A 115 13.34 -31.99 12.39
CA GLU A 115 13.26 -30.54 12.38
C GLU A 115 14.34 -29.89 11.53
N ALA A 116 13.96 -28.92 10.71
CA ALA A 116 14.91 -28.24 9.83
C ALA A 116 15.02 -26.76 10.19
N THR A 117 16.21 -26.33 10.59
CA THR A 117 16.44 -24.94 10.93
C THR A 117 17.18 -24.21 9.82
N TYR A 118 16.82 -22.96 9.56
CA TYR A 118 17.47 -22.18 8.51
C TYR A 118 17.83 -20.78 9.00
N LEU A 119 18.86 -20.20 8.40
CA LEU A 119 19.31 -18.86 8.77
C LEU A 119 19.22 -17.92 7.57
N ALA A 120 18.57 -16.78 7.76
CA ALA A 120 18.36 -15.82 6.68
C ALA A 120 19.11 -14.51 6.91
N LEU A 121 19.82 -14.05 5.89
CA LEU A 121 20.50 -12.76 5.93
C LEU A 121 19.57 -11.65 5.43
N ASN A 122 18.87 -11.93 4.33
CA ASN A 122 17.89 -10.99 3.78
C ASN A 122 16.50 -11.27 4.33
N GLU A 123 15.89 -12.37 3.89
CA GLU A 123 14.55 -12.74 4.37
C GLU A 123 14.21 -14.21 4.11
N SER A 124 13.07 -14.63 4.64
CA SER A 124 12.56 -15.97 4.41
C SER A 124 11.08 -15.92 4.06
N THR A 125 10.72 -16.49 2.92
CA THR A 125 9.34 -16.45 2.45
C THR A 125 8.72 -17.83 2.38
N VAL A 126 7.39 -17.90 2.55
CA VAL A 126 6.66 -19.15 2.43
C VAL A 126 5.46 -18.99 1.51
N LYS A 127 5.48 -19.68 0.38
CA LYS A 127 4.38 -19.66 -0.56
C LYS A 127 3.78 -21.05 -0.67
N SER A 128 2.85 -21.23 -1.61
CA SER A 128 2.23 -22.54 -1.80
C SER A 128 3.04 -23.39 -2.77
N SER A 129 2.44 -24.48 -3.25
CA SER A 129 3.11 -25.36 -4.19
C SER A 129 2.20 -25.66 -5.38
N GLY A 130 0.98 -25.14 -5.31
CA GLY A 130 0.00 -25.34 -6.37
C GLY A 130 -1.02 -24.23 -6.40
N GLY A 131 -2.15 -24.45 -5.72
CA GLY A 131 -3.21 -23.46 -5.69
C GLY A 131 -3.02 -22.41 -4.61
N PRO A 132 -4.07 -22.20 -3.79
CA PRO A 132 -4.09 -21.17 -2.75
C PRO A 132 -3.13 -21.43 -1.60
N PHE A 133 -2.63 -20.35 -1.00
CA PHE A 133 -1.78 -20.45 0.17
C PHE A 133 -2.56 -20.00 1.41
N VAL A 134 -3.01 -20.97 2.21
CA VAL A 134 -3.82 -20.66 3.37
C VAL A 134 -3.20 -21.19 4.66
N VAL A 135 -2.80 -20.29 5.54
CA VAL A 135 -2.23 -20.67 6.83
C VAL A 135 -2.81 -19.81 7.95
N ASP A 136 -2.55 -20.21 9.19
CA ASP A 136 -2.97 -19.43 10.35
C ASP A 136 -1.75 -18.81 11.01
N VAL A 137 -1.74 -17.49 11.10
CA VAL A 137 -0.63 -16.79 11.72
C VAL A 137 -0.82 -16.77 13.23
N VAL A 138 0.08 -17.45 13.94
CA VAL A 138 -0.01 -17.53 15.38
C VAL A 138 1.16 -16.80 16.04
N ILE A 139 0.83 -15.72 16.77
CA ILE A 139 1.85 -14.91 17.42
C ILE A 139 1.90 -15.22 18.91
N ASN A 140 3.04 -15.77 19.34
CA ASN A 140 3.25 -16.14 20.73
C ASN A 140 2.13 -17.04 21.26
N ASP A 141 1.93 -18.17 20.57
CA ASP A 141 0.93 -19.16 20.93
C ASP A 141 -0.50 -18.60 20.94
N ILE A 142 -0.72 -17.53 20.19
CA ILE A 142 -2.05 -16.93 20.11
C ILE A 142 -2.39 -16.64 18.65
N HIS A 143 -3.58 -17.08 18.22
CA HIS A 143 -4.02 -16.88 16.85
C HIS A 143 -4.20 -15.39 16.55
N PHE A 144 -3.70 -14.96 15.40
CA PHE A 144 -3.77 -13.55 15.02
C PHE A 144 -4.65 -13.34 13.80
N GLU A 145 -4.46 -14.17 12.78
CA GLU A 145 -5.21 -14.04 11.54
C GLU A 145 -5.13 -15.32 10.71
N ARG A 146 -6.08 -15.49 9.79
CA ARG A 146 -6.00 -16.57 8.81
C ARG A 146 -5.72 -15.99 7.43
N PHE A 147 -4.52 -16.28 6.93
CA PHE A 147 -4.03 -15.69 5.69
C PHE A 147 -4.44 -16.47 4.44
N ARG A 148 -4.69 -15.76 3.35
CA ARG A 148 -4.94 -16.37 2.05
C ARG A 148 -4.42 -15.47 0.92
N GLY A 149 -3.44 -15.97 0.18
CA GLY A 149 -2.85 -15.21 -0.91
C GLY A 149 -1.69 -15.93 -1.56
N ASP A 150 -0.65 -15.18 -1.90
CA ASP A 150 0.55 -15.77 -2.50
C ASP A 150 1.46 -16.35 -1.42
N GLY A 151 1.69 -15.58 -0.36
CA GLY A 151 2.53 -16.03 0.72
C GLY A 151 2.82 -14.95 1.75
N LEU A 152 3.80 -15.23 2.62
CA LEU A 152 4.23 -14.27 3.63
C LEU A 152 5.74 -14.12 3.59
N CYS A 153 6.20 -12.93 3.94
CA CYS A 153 7.63 -12.63 3.88
C CYS A 153 8.14 -12.04 5.18
N MET A 154 8.95 -12.84 5.89
CA MET A 154 9.59 -12.37 7.12
C MET A 154 10.99 -11.87 6.80
N SER A 155 11.22 -10.57 7.00
CA SER A 155 12.47 -9.94 6.58
C SER A 155 13.39 -9.58 7.74
N THR A 156 14.69 -9.58 7.47
CA THR A 156 15.68 -9.10 8.42
C THR A 156 15.81 -7.59 8.32
N PRO A 157 16.32 -6.93 9.38
CA PRO A 157 16.52 -5.47 9.34
C PRO A 157 17.37 -5.02 8.16
N SER A 158 18.43 -5.77 7.86
CA SER A 158 19.30 -5.44 6.74
C SER A 158 18.66 -5.84 5.42
N GLY A 159 17.67 -6.73 5.50
CA GLY A 159 16.97 -7.22 4.32
C GLY A 159 15.73 -6.42 3.99
N THR A 160 15.47 -5.38 4.77
CA THR A 160 14.31 -4.52 4.55
C THR A 160 14.40 -3.73 3.25
N THR A 161 15.62 -3.45 2.82
CA THR A 161 15.85 -2.69 1.60
C THR A 161 15.78 -3.58 0.37
N ALA A 162 15.47 -4.85 0.58
CA ALA A 162 15.43 -5.82 -0.50
C ALA A 162 13.99 -6.17 -0.92
N TYR A 163 13.63 -7.44 -0.79
CA TYR A 163 12.30 -7.91 -1.17
C TYR A 163 11.22 -7.23 -0.33
N ASN A 164 11.57 -6.95 0.92
CA ASN A 164 10.65 -6.29 1.86
C ASN A 164 10.11 -4.96 1.35
N LYS A 165 10.99 -4.15 0.77
CA LYS A 165 10.60 -2.83 0.28
C LYS A 165 9.64 -2.92 -0.91
N SER A 166 9.88 -3.87 -1.79
CA SER A 166 9.04 -4.05 -2.98
C SER A 166 7.65 -4.53 -2.58
N LEU A 167 7.56 -5.23 -1.45
CA LEU A 167 6.30 -5.77 -0.97
C LEU A 167 5.55 -4.76 -0.10
N GLY A 168 6.13 -3.56 0.03
CA GLY A 168 5.50 -2.50 0.78
C GLY A 168 5.92 -2.43 2.24
N GLY A 169 7.00 -3.11 2.57
CA GLY A 169 7.50 -3.12 3.94
C GLY A 169 8.21 -1.84 4.29
N ALA A 170 8.46 -1.65 5.58
CA ALA A 170 9.17 -0.47 6.07
C ALA A 170 10.66 -0.71 6.10
N LEU A 171 11.44 0.37 5.98
CA LEU A 171 12.89 0.26 6.03
C LEU A 171 13.39 0.45 7.45
N MET A 172 13.97 -0.60 8.01
CA MET A 172 14.49 -0.56 9.38
C MET A 172 16.00 -0.49 9.39
N HIS A 173 16.54 0.24 10.36
CA HIS A 173 17.99 0.34 10.51
C HIS A 173 18.53 -0.95 11.12
N PRO A 174 19.63 -1.47 10.54
CA PRO A 174 20.21 -2.77 10.94
C PRO A 174 20.70 -2.81 12.39
N SER A 175 20.75 -1.67 13.07
CA SER A 175 21.14 -1.65 14.47
C SER A 175 19.99 -2.12 15.36
N ILE A 176 18.81 -2.21 14.77
CA ILE A 176 17.62 -2.68 15.50
C ILE A 176 17.46 -4.18 15.38
N GLU A 177 17.45 -4.86 16.54
CA GLU A 177 17.27 -6.31 16.56
C GLU A 177 15.80 -6.69 16.50
N ALA A 178 15.31 -6.90 15.29
CA ALA A 178 13.91 -7.24 15.07
C ALA A 178 13.70 -7.98 13.78
N MET A 179 12.44 -8.24 13.44
CA MET A 179 12.09 -8.87 12.17
C MET A 179 10.76 -8.33 11.68
N GLN A 180 10.60 -8.23 10.36
CA GLN A 180 9.41 -7.63 9.79
C GLN A 180 8.63 -8.61 8.92
N LEU A 181 7.34 -8.72 9.18
CA LEU A 181 6.47 -9.60 8.41
C LEU A 181 5.62 -8.82 7.43
N THR A 182 5.71 -9.18 6.15
CA THR A 182 4.94 -8.52 5.11
C THR A 182 4.06 -9.50 4.35
N GLU A 183 2.95 -9.00 3.83
CA GLU A 183 2.00 -9.84 3.11
C GLU A 183 2.33 -9.89 1.63
N MET A 184 2.03 -11.03 1.00
CA MET A 184 2.23 -11.18 -0.43
C MET A 184 0.88 -11.43 -1.11
N ALA A 185 0.30 -10.36 -1.65
CA ALA A 185 -0.96 -10.44 -2.38
C ALA A 185 -2.08 -11.10 -1.56
N SER A 186 -2.39 -10.52 -0.41
CA SER A 186 -3.45 -11.04 0.44
C SER A 186 -4.80 -10.64 -0.13
N ILE A 187 -5.76 -11.56 -0.09
CA ILE A 187 -7.10 -11.27 -0.59
C ILE A 187 -7.85 -10.42 0.44
N ASN A 188 -7.53 -10.61 1.71
CA ASN A 188 -8.11 -9.86 2.82
C ASN A 188 -9.63 -9.64 2.70
N ASN A 189 -10.39 -10.70 2.98
CA ASN A 189 -11.84 -10.61 2.93
C ASN A 189 -12.46 -10.91 4.31
N ARG A 190 -13.76 -11.19 4.32
CA ARG A 190 -14.47 -11.42 5.57
C ARG A 190 -14.09 -12.76 6.19
N VAL A 191 -13.57 -13.65 5.35
CA VAL A 191 -13.22 -14.99 5.80
C VAL A 191 -11.74 -15.04 6.17
N TYR A 192 -10.92 -14.39 5.34
CA TYR A 192 -9.49 -14.33 5.58
C TYR A 192 -9.09 -12.88 5.83
N ARG A 193 -9.40 -12.39 7.03
CA ARG A 193 -9.11 -11.01 7.40
C ARG A 193 -7.69 -10.83 7.91
N THR A 194 -6.85 -10.21 7.09
CA THR A 194 -5.47 -9.95 7.47
C THR A 194 -5.28 -8.50 7.92
N ILE A 195 -4.18 -8.24 8.62
CA ILE A 195 -3.92 -6.92 9.17
C ILE A 195 -3.58 -5.91 8.07
N GLY A 196 -3.01 -6.39 6.97
CA GLY A 196 -2.62 -5.53 5.87
C GLY A 196 -1.30 -4.84 6.12
N SER A 197 -1.17 -4.21 7.28
CA SER A 197 0.04 -3.50 7.65
C SER A 197 1.20 -4.45 7.96
N PRO A 198 2.42 -4.06 7.57
CA PRO A 198 3.62 -4.83 7.92
C PRO A 198 3.79 -4.91 9.43
N LEU A 199 4.27 -6.06 9.93
CA LEU A 199 4.41 -6.25 11.36
C LEU A 199 5.87 -6.41 11.77
N VAL A 200 6.32 -5.57 12.70
CA VAL A 200 7.69 -5.63 13.18
C VAL A 200 7.74 -6.29 14.56
N PHE A 201 8.39 -7.45 14.63
CA PHE A 201 8.49 -8.21 15.87
C PHE A 201 9.86 -8.07 16.48
N PRO A 202 9.91 -7.84 17.80
CA PRO A 202 11.17 -7.72 18.54
C PRO A 202 11.83 -9.06 18.80
N LYS A 203 12.84 -9.07 19.67
CA LYS A 203 13.53 -10.29 20.03
C LYS A 203 12.63 -11.19 20.88
N HIS A 204 12.91 -12.49 20.84
CA HIS A 204 12.18 -13.49 21.62
C HIS A 204 10.69 -13.56 21.29
N HIS A 205 10.29 -12.94 20.18
CA HIS A 205 8.92 -13.07 19.69
C HIS A 205 8.87 -14.09 18.57
N VAL A 206 7.94 -15.02 18.67
CA VAL A 206 7.84 -16.10 17.69
C VAL A 206 6.57 -16.02 16.86
N VAL A 207 6.74 -15.98 15.54
CA VAL A 207 5.61 -15.98 14.62
C VAL A 207 5.48 -17.37 13.99
N SER A 208 4.42 -18.08 14.37
CA SER A 208 4.22 -19.45 13.93
C SER A 208 3.18 -19.54 12.83
N LEU A 209 3.60 -20.05 11.67
CA LEU A 209 2.68 -20.28 10.56
C LEU A 209 2.19 -21.71 10.58
N GLN A 210 0.88 -21.88 10.71
CA GLN A 210 0.29 -23.22 10.79
C GLN A 210 -0.70 -23.43 9.65
N PRO A 211 -0.55 -24.55 8.94
CA PRO A 211 -1.38 -24.88 7.77
C PRO A 211 -2.86 -25.04 8.11
N VAL A 212 -3.69 -24.97 7.09
CA VAL A 212 -5.13 -25.17 7.23
C VAL A 212 -5.56 -26.42 6.47
N ASN A 213 -5.54 -26.35 5.14
CA ASN A 213 -5.95 -27.49 4.32
C ASN A 213 -4.79 -28.13 3.56
N ASP A 214 -3.71 -27.38 3.33
CA ASP A 214 -2.57 -27.88 2.58
C ASP A 214 -1.30 -27.86 3.42
N LYS A 215 -0.42 -28.84 3.20
CA LYS A 215 0.80 -28.96 3.99
C LYS A 215 2.05 -28.98 3.11
N ASP A 216 1.87 -28.59 1.85
CA ASP A 216 2.98 -28.48 0.92
C ASP A 216 3.26 -27.01 0.61
N PHE A 217 4.39 -26.51 1.12
CA PHE A 217 4.72 -25.11 0.94
C PHE A 217 6.07 -24.94 0.25
N GLN A 218 6.23 -23.82 -0.45
CA GLN A 218 7.51 -23.48 -1.05
C GLN A 218 8.24 -22.50 -0.15
N ILE A 219 9.17 -23.00 0.65
CA ILE A 219 9.92 -22.14 1.56
C ILE A 219 11.19 -21.62 0.91
N SER A 220 11.33 -20.31 0.85
CA SER A 220 12.50 -19.70 0.25
C SER A 220 13.29 -18.91 1.29
N VAL A 221 14.58 -19.21 1.41
CA VAL A 221 15.46 -18.46 2.28
C VAL A 221 16.58 -17.86 1.46
N ASP A 222 16.64 -16.53 1.42
CA ASP A 222 17.62 -15.80 0.63
C ASP A 222 17.65 -16.30 -0.82
N HIS A 223 16.45 -16.55 -1.35
CA HIS A 223 16.22 -17.02 -2.72
C HIS A 223 16.68 -18.44 -2.95
N LEU A 224 16.86 -19.21 -1.89
CA LEU A 224 17.09 -20.61 -2.10
C LEU A 224 15.71 -21.12 -1.81
N SER A 225 15.10 -21.79 -2.78
CA SER A 225 13.71 -22.15 -2.65
C SER A 225 13.52 -23.63 -2.89
N ILE A 226 13.25 -24.34 -1.80
CA ILE A 226 13.07 -25.78 -1.82
C ILE A 226 11.65 -26.13 -1.42
N LEU A 227 11.19 -27.29 -1.86
CA LEU A 227 9.83 -27.74 -1.57
C LEU A 227 9.78 -28.60 -0.31
N HIS A 228 9.06 -28.11 0.69
CA HIS A 228 8.88 -28.85 1.93
C HIS A 228 7.49 -29.47 1.95
N ARG A 229 7.45 -30.80 2.00
CA ARG A 229 6.19 -31.52 2.02
C ARG A 229 5.83 -31.95 3.44
N ASP A 230 4.52 -32.07 3.70
CA ASP A 230 4.00 -32.49 5.00
C ASP A 230 4.49 -31.56 6.11
N VAL A 231 4.26 -30.27 5.93
CA VAL A 231 4.67 -29.26 6.90
C VAL A 231 3.60 -29.07 7.97
N GLN A 232 4.02 -29.07 9.23
CA GLN A 232 3.10 -28.91 10.35
C GLN A 232 3.20 -27.52 10.98
N GLU A 233 4.38 -26.92 10.91
CA GLU A 233 4.61 -25.62 11.52
C GLU A 233 5.85 -24.91 10.96
N ILE A 234 5.73 -23.61 10.73
CA ILE A 234 6.87 -22.79 10.31
C ILE A 234 7.06 -21.62 11.27
N ARG A 235 8.15 -21.67 12.04
CA ARG A 235 8.39 -20.70 13.09
C ARG A 235 9.40 -19.62 12.70
N TYR A 236 9.08 -18.37 13.02
CA TYR A 236 9.98 -17.26 12.75
C TYR A 236 10.39 -16.58 14.06
N GLU A 237 11.69 -16.33 14.21
CA GLU A 237 12.19 -15.62 15.39
C GLU A 237 13.58 -15.06 15.14
N VAL A 238 13.91 -13.97 15.84
CA VAL A 238 15.22 -13.36 15.72
C VAL A 238 16.29 -14.28 16.29
N SER A 239 17.19 -14.74 15.43
CA SER A 239 18.26 -15.65 15.83
C SER A 239 19.25 -14.99 16.78
N ALA A 240 19.85 -15.78 17.65
CA ALA A 240 20.85 -15.27 18.57
C ALA A 240 22.17 -15.04 17.84
N LYS A 241 22.30 -15.69 16.68
CA LYS A 241 23.49 -15.55 15.85
C LYS A 241 23.43 -14.28 15.02
N LYS A 242 24.56 -13.60 14.89
CA LYS A 242 24.62 -12.38 14.09
C LYS A 242 25.78 -12.43 13.10
N ILE A 243 25.60 -11.78 11.95
CA ILE A 243 26.67 -11.69 10.96
C ILE A 243 27.54 -10.48 11.28
N HIS A 244 28.85 -10.67 11.19
CA HIS A 244 29.79 -9.62 11.57
C HIS A 244 30.46 -8.98 10.35
N PHE A 245 30.49 -7.65 10.35
CA PHE A 245 31.10 -6.88 9.27
C PHE A 245 32.37 -6.19 9.77
N ALA A 246 33.35 -6.05 8.88
CA ALA A 246 34.58 -5.35 9.22
C ALA A 246 34.47 -3.89 8.81
N ARG A 247 34.33 -3.02 9.81
CA ARG A 247 34.17 -1.59 9.55
C ARG A 247 35.52 -0.87 9.54
N PHE A 248 35.76 -0.13 8.47
CA PHE A 248 36.99 0.64 8.34
C PHE A 248 36.66 2.13 8.29
N ARG A 249 35.78 2.49 7.36
CA ARG A 249 35.28 3.85 7.24
C ARG A 249 33.83 3.90 7.70
N SER A 250 33.14 4.97 7.35
CA SER A 250 31.75 5.16 7.77
C SER A 250 30.81 5.31 6.59
N PHE A 251 30.08 4.24 6.28
CA PHE A 251 29.06 4.29 5.24
C PHE A 251 27.70 4.04 5.87
N PRO A 252 27.03 5.13 6.27
CA PRO A 252 25.73 5.09 6.96
C PRO A 252 24.67 4.32 6.16
N PHE A 253 23.78 3.66 6.88
CA PHE A 253 22.74 2.85 6.26
C PHE A 253 21.80 3.71 5.42
N TRP A 254 21.43 4.87 5.94
CA TRP A 254 20.47 5.74 5.26
C TRP A 254 21.06 6.39 4.00
N ARG A 255 22.37 6.60 4.00
CA ARG A 255 23.02 7.11 2.79
C ARG A 255 23.05 6.03 1.73
N ARG A 256 23.29 4.80 2.17
CA ARG A 256 23.35 3.65 1.27
C ARG A 256 21.96 3.39 0.69
N VAL A 257 20.93 3.70 1.47
CA VAL A 257 19.56 3.64 0.98
C VAL A 257 19.30 4.79 0.01
N HIS A 258 19.80 5.97 0.36
CA HIS A 258 19.65 7.17 -0.45
C HIS A 258 20.35 7.00 -1.81
N ASP A 259 21.58 6.49 -1.79
CA ASP A 259 22.35 6.32 -3.03
C ASP A 259 21.80 5.20 -3.93
N SER A 260 20.96 4.33 -3.35
CA SER A 260 20.39 3.20 -4.07
C SER A 260 19.02 3.46 -4.69
N PHE A 261 18.12 4.09 -3.92
CA PHE A 261 16.73 4.28 -4.35
C PHE A 261 16.43 5.71 -4.82
N ILE A 262 17.15 6.68 -4.30
CA ILE A 262 16.88 8.08 -4.64
C ILE A 262 17.78 8.57 -5.77
N GLU A 263 19.08 8.63 -5.49
CA GLU A 263 20.06 9.14 -6.45
C GLU A 263 21.45 9.16 -5.84
N ASP A 264 22.44 8.89 -6.69
CA ASP A 264 23.82 8.77 -6.27
C ASP A 264 24.60 10.03 -6.67
N MET B 1 -1.16 4.89 47.99
CA MET B 1 -0.38 6.05 47.60
C MET B 1 -1.21 7.07 46.84
N LYS B 2 -0.58 8.18 46.44
CA LYS B 2 -1.23 9.28 45.76
C LYS B 2 -1.67 8.99 44.32
N TYR B 3 -2.98 8.90 44.11
CA TYR B 3 -3.51 8.63 42.78
C TYR B 3 -4.47 9.73 42.32
N MET B 4 -5.01 9.57 41.12
CA MET B 4 -5.97 10.51 40.54
C MET B 4 -6.67 9.85 39.36
N ILE B 5 -7.75 10.45 38.90
CA ILE B 5 -8.50 9.91 37.77
C ILE B 5 -8.98 11.02 36.84
N THR B 6 -8.75 10.86 35.53
CA THR B 6 -9.27 11.80 34.55
C THR B 6 -10.49 11.22 33.83
N SER B 7 -11.43 12.08 33.48
CA SER B 7 -12.67 11.63 32.84
C SER B 7 -12.87 12.27 31.47
N LYS B 8 -13.56 11.54 30.59
CA LYS B 8 -13.83 12.03 29.24
C LYS B 8 -14.71 13.28 29.25
N GLY B 9 -15.87 13.19 29.89
CA GLY B 9 -16.78 14.30 29.98
C GLY B 9 -18.25 13.89 30.00
N ASP B 10 -18.56 12.77 29.36
CA ASP B 10 -19.93 12.26 29.37
C ASP B 10 -20.27 11.67 30.73
N GLU B 11 -21.53 11.32 30.94
CA GLU B 11 -21.97 10.80 32.22
C GLU B 11 -21.39 9.41 32.50
N LYS B 12 -21.21 8.61 31.46
CA LYS B 12 -20.70 7.26 31.61
C LYS B 12 -19.30 7.26 32.24
N SER B 13 -18.46 8.18 31.80
CA SER B 13 -17.11 8.28 32.31
C SER B 13 -17.11 8.92 33.70
N ASP B 14 -17.94 9.94 33.87
CA ASP B 14 -18.03 10.67 35.14
C ASP B 14 -18.64 9.81 36.25
N LEU B 15 -19.61 8.96 35.88
CA LEU B 15 -20.26 8.08 36.85
C LEU B 15 -19.29 7.00 37.32
N LEU B 16 -18.60 6.37 36.38
CA LEU B 16 -17.64 5.32 36.68
C LEU B 16 -16.45 5.86 37.48
N ARG B 17 -16.11 7.11 37.25
CA ARG B 17 -14.98 7.75 37.94
C ARG B 17 -15.21 7.81 39.44
N LEU B 18 -16.34 8.40 39.83
CA LEU B 18 -16.68 8.58 41.24
C LEU B 18 -16.74 7.25 41.98
N ASN B 19 -17.24 6.21 41.32
CA ASN B 19 -17.36 4.90 41.92
C ASN B 19 -16.01 4.28 42.28
N MET B 20 -14.96 4.70 41.56
CA MET B 20 -13.63 4.21 41.83
C MET B 20 -12.98 4.99 42.98
N ILE B 21 -13.27 6.28 43.05
CA ILE B 21 -12.78 7.13 44.13
C ILE B 21 -13.35 6.67 45.47
N ALA B 22 -14.61 6.25 45.44
CA ALA B 22 -15.29 5.72 46.63
C ALA B 22 -14.64 4.43 47.10
N GLY B 23 -14.62 3.43 46.23
CA GLY B 23 -13.90 2.19 46.47
C GLY B 23 -12.49 2.37 47.01
N PHE B 24 -11.80 3.40 46.52
CA PHE B 24 -10.42 3.65 46.93
C PHE B 24 -10.36 4.39 48.27
N GLY B 25 -11.52 4.70 48.83
CA GLY B 25 -11.59 5.36 50.12
C GLY B 25 -11.52 4.30 51.21
N GLU B 26 -11.76 3.05 50.82
CA GLU B 26 -11.68 1.91 51.72
C GLU B 26 -10.25 1.44 51.95
N TYR B 27 -9.30 2.05 51.23
CA TYR B 27 -7.90 1.65 51.36
C TYR B 27 -7.01 2.84 51.69
N ASP B 28 -5.70 2.60 51.73
CA ASP B 28 -4.72 3.64 52.02
C ASP B 28 -4.31 4.37 50.75
N MET B 29 -5.30 4.92 50.06
CA MET B 29 -5.07 5.66 48.83
C MET B 29 -5.42 7.12 49.03
N GLU B 30 -4.43 8.00 48.85
CA GLU B 30 -4.66 9.43 49.04
C GLU B 30 -4.94 10.08 47.70
N TYR B 31 -6.10 10.70 47.60
CA TYR B 31 -6.53 11.35 46.38
C TYR B 31 -5.84 12.69 46.17
N ASP B 32 -5.02 12.78 45.13
CA ASP B 32 -4.28 13.99 44.82
C ASP B 32 -4.19 14.22 43.31
N ASP B 33 -4.73 15.32 42.83
CA ASP B 33 -4.71 15.63 41.40
C ASP B 33 -3.61 16.63 41.07
N VAL B 34 -2.69 16.82 42.00
CA VAL B 34 -1.57 17.73 41.78
C VAL B 34 -0.27 16.95 41.67
N GLU B 35 -0.07 16.03 42.60
CA GLU B 35 1.12 15.20 42.61
C GLU B 35 0.82 13.71 42.79
N PRO B 36 0.18 13.10 41.79
CA PRO B 36 -0.20 11.68 41.87
C PRO B 36 0.96 10.73 41.55
N GLU B 37 0.78 9.45 41.88
CA GLU B 37 1.76 8.43 41.56
C GLU B 37 1.14 7.43 40.58
N ILE B 38 -0.18 7.43 40.52
CA ILE B 38 -0.94 6.56 39.62
C ILE B 38 -2.07 7.35 38.96
N VAL B 39 -2.00 7.52 37.65
CA VAL B 39 -3.02 8.24 36.92
C VAL B 39 -3.94 7.31 36.15
N ILE B 40 -5.24 7.40 36.41
CA ILE B 40 -6.22 6.56 35.76
C ILE B 40 -7.02 7.36 34.73
N SER B 41 -6.98 6.95 33.47
CA SER B 41 -7.72 7.63 32.42
C SER B 41 -8.99 6.86 32.06
N ILE B 42 -10.12 7.56 32.11
CA ILE B 42 -11.41 6.95 31.78
C ILE B 42 -12.06 7.62 30.57
N GLY B 43 -12.21 6.85 29.50
CA GLY B 43 -12.80 7.36 28.28
C GLY B 43 -12.29 6.64 27.04
N GLY B 44 -11.27 7.19 26.42
CA GLY B 44 -10.68 6.60 25.24
C GLY B 44 -9.19 6.90 25.13
N ASP B 45 -8.62 6.64 23.97
CA ASP B 45 -7.21 6.91 23.74
C ASP B 45 -6.93 8.41 23.73
N GLY B 46 -7.87 9.17 23.17
CA GLY B 46 -7.76 10.61 23.15
C GLY B 46 -7.77 11.19 24.56
N THR B 47 -8.55 10.57 25.43
CA THR B 47 -8.58 10.97 26.83
C THR B 47 -7.27 10.60 27.50
N PHE B 48 -6.73 9.45 27.13
CA PHE B 48 -5.46 8.99 27.67
C PHE B 48 -4.32 9.92 27.26
N LEU B 49 -4.41 10.43 26.03
CA LEU B 49 -3.41 11.37 25.52
C LEU B 49 -3.44 12.66 26.33
N SER B 50 -4.64 13.06 26.75
CA SER B 50 -4.80 14.25 27.56
C SER B 50 -4.16 14.05 28.94
N ALA B 51 -4.31 12.86 29.49
CA ALA B 51 -3.74 12.53 30.79
C ALA B 51 -2.22 12.47 30.73
N PHE B 52 -1.70 12.13 29.55
CA PHE B 52 -0.25 12.08 29.36
C PHE B 52 0.35 13.48 29.31
N HIS B 53 -0.25 14.34 28.49
CA HIS B 53 0.25 15.71 28.33
C HIS B 53 -0.06 16.60 29.53
N GLN B 54 -1.04 16.22 30.34
CA GLN B 54 -1.38 16.99 31.53
C GLN B 54 -0.32 16.82 32.61
N TYR B 55 0.37 15.69 32.59
CA TYR B 55 1.41 15.38 33.56
C TYR B 55 2.65 14.79 32.89
N GLU B 56 3.11 15.42 31.83
CA GLU B 56 4.28 14.94 31.09
C GLU B 56 5.58 15.36 31.77
N GLU B 57 5.47 16.22 32.79
CA GLU B 57 6.63 16.66 33.55
C GLU B 57 6.98 15.69 34.68
N ARG B 58 5.98 14.94 35.13
CA ARG B 58 6.16 13.99 36.22
C ARG B 58 5.94 12.56 35.74
N LEU B 59 6.47 12.25 34.56
CA LEU B 59 6.35 10.92 33.98
C LEU B 59 7.18 9.91 34.79
N ASP B 60 8.15 10.42 35.53
CA ASP B 60 9.10 9.58 36.25
C ASP B 60 8.50 8.89 37.48
N GLU B 61 7.42 9.46 38.00
CA GLU B 61 6.80 8.94 39.22
C GLU B 61 5.37 8.44 39.00
N ILE B 62 4.93 8.41 37.74
CA ILE B 62 3.56 8.07 37.43
C ILE B 62 3.41 6.82 36.55
N ALA B 63 2.61 5.88 37.03
CA ALA B 63 2.24 4.70 36.25
C ALA B 63 0.80 4.86 35.74
N PHE B 64 0.66 4.97 34.42
CA PHE B 64 -0.65 5.23 33.82
C PHE B 64 -1.47 3.97 33.62
N ILE B 65 -2.79 4.11 33.75
CA ILE B 65 -3.72 3.01 33.49
C ILE B 65 -4.97 3.54 32.78
N GLY B 66 -5.34 2.90 31.68
CA GLY B 66 -6.46 3.34 30.87
C GLY B 66 -7.71 2.47 30.92
N ILE B 67 -8.86 3.12 30.99
CA ILE B 67 -10.15 2.42 30.96
C ILE B 67 -11.03 2.96 29.83
N HIS B 68 -11.47 2.07 28.95
CA HIS B 68 -12.29 2.46 27.80
C HIS B 68 -13.78 2.31 28.09
N THR B 69 -14.51 3.41 27.96
CA THR B 69 -15.96 3.40 28.16
C THR B 69 -16.67 2.98 26.88
N GLY B 70 -15.95 3.03 25.75
CA GLY B 70 -16.50 2.60 24.49
C GLY B 70 -15.82 1.34 24.00
N HIS B 71 -15.32 1.38 22.77
CA HIS B 71 -14.61 0.24 22.20
C HIS B 71 -13.18 0.16 22.72
N LEU B 72 -12.56 -1.01 22.56
CA LEU B 72 -11.21 -1.25 23.06
C LEU B 72 -10.16 -0.33 22.44
N GLY B 73 -9.33 0.26 23.30
CA GLY B 73 -8.25 1.12 22.85
C GLY B 73 -6.89 0.51 23.12
N PHE B 74 -5.83 1.14 22.62
CA PHE B 74 -4.49 0.62 22.78
C PHE B 74 -3.83 1.09 24.07
N TYR B 75 -4.41 2.12 24.68
CA TYR B 75 -3.95 2.61 25.97
C TYR B 75 -4.98 2.27 27.05
N ALA B 76 -6.25 2.37 26.67
CA ALA B 76 -7.34 1.97 27.54
C ALA B 76 -7.65 0.50 27.35
N ASP B 77 -6.98 -0.34 28.14
CA ASP B 77 -7.07 -1.79 27.97
C ASP B 77 -8.07 -2.41 28.94
N TRP B 78 -8.44 -1.66 29.97
CA TRP B 78 -9.31 -2.20 31.00
C TRP B 78 -10.79 -1.93 30.68
N ARG B 79 -11.62 -2.96 30.82
CA ARG B 79 -13.07 -2.82 30.63
C ARG B 79 -13.75 -2.28 31.88
N PRO B 80 -14.86 -1.54 31.71
CA PRO B 80 -15.61 -0.93 32.81
C PRO B 80 -16.04 -1.94 33.87
N ALA B 81 -16.47 -3.12 33.45
CA ALA B 81 -16.93 -4.14 34.38
C ALA B 81 -15.75 -4.89 35.01
N GLU B 82 -14.59 -4.23 35.02
CA GLU B 82 -13.42 -4.76 35.69
C GLU B 82 -12.85 -3.72 36.65
N ALA B 83 -13.58 -2.61 36.82
CA ALA B 83 -13.13 -1.52 37.68
C ALA B 83 -13.12 -1.94 39.14
N ASP B 84 -13.95 -2.92 39.48
CA ASP B 84 -14.00 -3.45 40.83
C ASP B 84 -12.67 -4.08 41.20
N LYS B 85 -12.14 -4.89 40.30
CA LYS B 85 -10.89 -5.60 40.53
C LYS B 85 -9.67 -4.69 40.46
N LEU B 86 -9.77 -3.57 39.74
CA LEU B 86 -8.64 -2.68 39.59
C LEU B 86 -8.21 -1.98 40.88
N VAL B 87 -9.18 -1.48 41.63
CA VAL B 87 -8.88 -0.78 42.87
C VAL B 87 -8.28 -1.74 43.89
N LYS B 88 -8.79 -2.97 43.91
CA LYS B 88 -8.31 -3.98 44.85
C LYS B 88 -6.85 -4.33 44.55
N LEU B 89 -6.55 -4.50 43.27
CA LEU B 89 -5.21 -4.83 42.83
C LEU B 89 -4.25 -3.64 42.94
N LEU B 90 -4.77 -2.44 42.76
CA LEU B 90 -3.96 -1.23 42.78
C LEU B 90 -3.77 -0.67 44.19
N ALA B 91 -4.44 -1.26 45.16
CA ALA B 91 -4.37 -0.80 46.56
C ALA B 91 -3.29 -1.57 47.30
N LYS B 92 -3.20 -2.86 47.02
CA LYS B 92 -2.20 -3.73 47.62
C LYS B 92 -0.79 -3.34 47.16
N GLY B 93 -0.70 -2.77 45.97
CA GLY B 93 0.57 -2.39 45.39
C GLY B 93 1.21 -3.55 44.63
N GLU B 94 0.37 -4.50 44.24
CA GLU B 94 0.83 -5.68 43.51
C GLU B 94 0.74 -5.52 42.00
N TYR B 95 1.74 -4.86 41.41
CA TYR B 95 1.74 -4.68 39.96
C TYR B 95 3.15 -4.46 39.41
N GLN B 96 3.33 -4.82 38.15
CA GLN B 96 4.60 -4.63 37.46
C GLN B 96 4.52 -3.38 36.59
N LYS B 97 5.68 -2.87 36.20
CA LYS B 97 5.73 -1.61 35.45
C LYS B 97 6.35 -1.78 34.07
N VAL B 98 5.53 -1.62 33.03
CA VAL B 98 6.02 -1.68 31.67
C VAL B 98 6.21 -0.27 31.12
N SER B 99 7.34 -0.05 30.44
CA SER B 99 7.66 1.28 29.92
C SER B 99 7.69 1.29 28.39
N TYR B 100 7.09 2.33 27.81
CA TYR B 100 7.09 2.50 26.36
C TYR B 100 7.92 3.70 25.95
N PRO B 101 8.62 3.61 24.81
CA PRO B 101 9.43 4.72 24.30
C PRO B 101 8.57 5.91 23.88
N LEU B 102 9.17 7.09 23.83
CA LEU B 102 8.46 8.30 23.45
C LEU B 102 9.20 9.05 22.35
N LEU B 103 8.52 9.99 21.71
CA LEU B 103 9.12 10.78 20.64
C LEU B 103 9.39 12.20 21.12
N LYS B 104 10.62 12.66 20.90
CA LYS B 104 10.98 14.01 21.25
C LYS B 104 10.93 14.90 20.02
N THR B 105 10.10 15.95 20.08
CA THR B 105 9.97 16.87 18.97
C THR B 105 10.58 18.22 19.34
N THR B 106 11.60 18.61 18.60
CA THR B 106 12.30 19.86 18.87
C THR B 106 12.17 20.84 17.70
N VAL B 107 11.71 22.04 18.00
CA VAL B 107 11.55 23.07 16.97
C VAL B 107 12.52 24.22 17.20
N LYS B 108 13.25 24.60 16.15
CA LYS B 108 14.22 25.68 16.25
C LYS B 108 13.90 26.85 15.32
N TYR B 109 14.32 28.04 15.72
CA TYR B 109 14.03 29.26 14.97
C TYR B 109 15.33 30.00 14.63
N LYS B 114 14.47 30.01 22.88
CA LYS B 114 13.21 29.96 22.17
C LYS B 114 12.98 28.61 21.50
N GLU B 115 13.99 27.74 21.55
CA GLU B 115 13.90 26.43 20.95
C GLU B 115 12.83 25.66 21.73
N ALA B 116 11.92 24.99 21.01
CA ALA B 116 10.79 24.34 21.66
C ALA B 116 10.80 22.82 21.57
N THR B 117 10.85 22.16 22.72
CA THR B 117 10.83 20.71 22.78
C THR B 117 9.45 20.19 23.18
N TYR B 118 9.02 19.11 22.53
CA TYR B 118 7.74 18.48 22.84
C TYR B 118 7.91 16.97 22.96
N LEU B 119 7.04 16.34 23.73
CA LEU B 119 7.10 14.88 23.89
C LEU B 119 5.84 14.22 23.37
N ALA B 120 6.02 13.21 22.53
CA ALA B 120 4.91 12.53 21.88
C ALA B 120 4.74 11.08 22.33
N LEU B 121 3.51 10.72 22.68
CA LEU B 121 3.16 9.35 23.03
C LEU B 121 2.75 8.56 21.79
N ASN B 122 1.94 9.17 20.94
CA ASN B 122 1.52 8.55 19.69
C ASN B 122 2.44 8.89 18.51
N GLU B 123 2.31 10.12 18.01
CA GLU B 123 3.13 10.57 16.89
C GLU B 123 3.14 12.09 16.74
N SER B 124 3.97 12.58 15.82
CA SER B 124 4.04 14.00 15.52
C SER B 124 4.03 14.25 14.01
N THR B 125 3.08 15.06 13.55
CA THR B 125 2.97 15.33 12.12
C THR B 125 3.27 16.80 11.82
N VAL B 126 3.76 17.05 10.61
CA VAL B 126 4.05 18.41 10.16
C VAL B 126 3.44 18.67 8.79
N LYS B 127 2.49 19.59 8.73
CA LYS B 127 1.86 19.95 7.47
C LYS B 127 2.15 21.40 7.08
N SER B 128 1.51 21.83 6.00
CA SER B 128 1.64 23.20 5.50
C SER B 128 0.61 24.12 6.16
N SER B 129 0.39 25.27 5.55
CA SER B 129 -0.58 26.23 6.05
C SER B 129 -1.51 26.70 4.93
N GLY B 131 -0.67 26.42 1.63
CA GLY B 131 -0.66 25.76 0.33
C GLY B 131 0.16 24.48 0.34
N PRO B 132 1.09 24.35 -0.62
CA PRO B 132 1.91 23.14 -0.77
C PRO B 132 2.88 22.96 0.39
N PHE B 133 3.18 21.72 0.73
CA PHE B 133 4.14 21.40 1.78
C PHE B 133 5.43 20.82 1.22
N VAL B 134 6.48 21.63 1.18
CA VAL B 134 7.76 21.21 0.63
C VAL B 134 8.87 21.36 1.66
N VAL B 135 9.46 20.24 2.08
CA VAL B 135 10.55 20.26 3.06
C VAL B 135 11.71 19.36 2.65
N ASP B 136 12.83 19.51 3.35
CA ASP B 136 14.00 18.67 3.13
C ASP B 136 14.24 17.74 4.33
N VAL B 137 14.21 16.43 4.08
CA VAL B 137 14.42 15.45 5.13
C VAL B 137 15.91 15.19 5.34
N VAL B 138 16.41 15.55 6.53
CA VAL B 138 17.83 15.39 6.85
C VAL B 138 18.04 14.34 7.93
N ILE B 139 18.71 13.25 7.59
CA ILE B 139 18.97 12.17 8.54
C ILE B 139 20.41 12.21 9.03
N ASN B 140 20.57 12.46 10.32
CA ASN B 140 21.89 12.55 10.96
C ASN B 140 22.83 13.52 10.23
N ASP B 141 22.38 14.76 10.11
CA ASP B 141 23.15 15.83 9.47
C ASP B 141 23.50 15.50 8.02
N ILE B 142 22.71 14.63 7.39
CA ILE B 142 22.93 14.25 6.00
C ILE B 142 21.62 14.27 5.21
N HIS B 143 21.63 14.94 4.06
CA HIS B 143 20.45 15.06 3.21
C HIS B 143 19.99 13.71 2.66
N PHE B 144 18.69 13.45 2.73
CA PHE B 144 18.15 12.19 2.25
C PHE B 144 17.19 12.40 1.07
N GLU B 145 16.26 13.33 1.23
CA GLU B 145 15.26 13.59 0.18
C GLU B 145 14.56 14.94 0.37
N ARG B 146 13.92 15.42 -0.70
CA ARG B 146 13.07 16.60 -0.63
C ARG B 146 11.61 16.21 -0.77
N PHE B 147 10.84 16.41 0.30
CA PHE B 147 9.46 15.95 0.34
C PHE B 147 8.49 16.98 -0.23
N ARG B 148 7.45 16.49 -0.88
CA ARG B 148 6.36 17.31 -1.40
C ARG B 148 5.03 16.56 -1.35
N GLY B 149 4.11 17.05 -0.54
CA GLY B 149 2.81 16.43 -0.40
C GLY B 149 1.97 17.10 0.68
N ASP B 150 1.25 16.30 1.44
CA ASP B 150 0.44 16.82 2.54
C ASP B 150 1.31 17.06 3.78
N GLY B 151 2.15 16.09 4.11
CA GLY B 151 3.03 16.21 5.25
C GLY B 151 3.81 14.96 5.58
N LEU B 152 4.41 14.95 6.76
CA LEU B 152 5.18 13.80 7.24
C LEU B 152 4.74 13.41 8.65
N CYS B 153 4.84 12.12 8.95
CA CYS B 153 4.39 11.61 10.24
C CYS B 153 5.45 10.76 10.92
N MET B 154 6.02 11.28 12.00
CA MET B 154 6.98 10.53 12.81
C MET B 154 6.25 9.87 13.97
N SER B 155 6.22 8.54 13.98
CA SER B 155 5.40 7.81 14.93
C SER B 155 6.20 7.07 16.00
N THR B 156 5.59 6.92 17.17
CA THR B 156 6.14 6.09 18.25
C THR B 156 5.71 4.65 18.01
N PRO B 157 6.43 3.69 18.62
CA PRO B 157 6.04 2.27 18.48
C PRO B 157 4.61 2.02 18.94
N SER B 158 4.20 2.68 20.02
CA SER B 158 2.84 2.54 20.52
C SER B 158 1.87 3.34 19.66
N GLY B 159 2.40 4.31 18.93
CA GLY B 159 1.59 5.15 18.07
C GLY B 159 1.47 4.63 16.66
N THR B 160 2.10 3.48 16.40
CA THR B 160 2.05 2.88 15.06
C THR B 160 0.66 2.37 14.74
N THR B 161 -0.09 2.02 15.78
CA THR B 161 -1.45 1.50 15.61
C THR B 161 -2.47 2.63 15.45
N ALA B 162 -1.99 3.87 15.43
CA ALA B 162 -2.88 5.03 15.33
C ALA B 162 -2.87 5.60 13.90
N TYR B 163 -2.46 6.87 13.79
CA TYR B 163 -2.42 7.55 12.50
C TYR B 163 -1.44 6.86 11.56
N ASN B 164 -0.37 6.32 12.13
CA ASN B 164 0.66 5.62 11.36
C ASN B 164 0.10 4.46 10.55
N LYS B 165 -0.79 3.69 11.16
CA LYS B 165 -1.37 2.52 10.49
C LYS B 165 -2.27 2.95 9.33
N SER B 166 -2.99 4.04 9.51
CA SER B 166 -3.90 4.56 8.50
C SER B 166 -3.16 5.09 7.27
N LEU B 167 -1.91 5.52 7.47
CA LEU B 167 -1.11 6.06 6.38
C LEU B 167 -0.35 4.97 5.63
N GLY B 168 -0.55 3.72 6.05
CA GLY B 168 0.09 2.59 5.40
C GLY B 168 1.39 2.23 6.09
N GLY B 169 1.58 2.76 7.29
CA GLY B 169 2.78 2.50 8.05
C GLY B 169 2.78 1.11 8.66
N ALA B 170 3.95 0.70 9.16
CA ALA B 170 4.08 -0.62 9.75
C ALA B 170 3.73 -0.58 11.24
N LEU B 171 3.28 -1.71 11.77
CA LEU B 171 2.95 -1.83 13.18
C LEU B 171 4.17 -2.33 13.95
N MET B 172 4.67 -1.48 14.85
CA MET B 172 5.85 -1.82 15.62
C MET B 172 5.50 -2.13 17.08
N HIS B 173 6.18 -3.13 17.64
CA HIS B 173 5.95 -3.50 19.04
C HIS B 173 6.65 -2.50 19.97
N PRO B 174 5.95 -2.07 21.02
CA PRO B 174 6.44 -1.05 21.96
C PRO B 174 7.70 -1.47 22.74
N SER B 175 8.11 -2.73 22.63
CA SER B 175 9.33 -3.18 23.29
C SER B 175 10.56 -2.70 22.52
N ILE B 176 10.32 -2.24 21.29
CA ILE B 176 11.40 -1.73 20.44
C ILE B 176 11.54 -0.22 20.62
N GLU B 177 12.73 0.22 21.02
CA GLU B 177 12.99 1.65 21.19
C GLU B 177 13.37 2.28 19.86
N ALA B 178 12.36 2.79 19.15
CA ALA B 178 12.57 3.38 17.83
C ALA B 178 11.48 4.38 17.47
N MET B 179 11.53 4.89 16.25
CA MET B 179 10.50 5.79 15.73
C MET B 179 10.31 5.57 14.23
N GLN B 180 9.09 5.74 13.76
CA GLN B 180 8.78 5.46 12.35
C GLN B 180 8.29 6.69 11.59
N LEU B 181 8.91 6.96 10.44
CA LEU B 181 8.53 8.09 9.60
C LEU B 181 7.73 7.62 8.38
N THR B 182 6.52 8.16 8.23
CA THR B 182 5.68 7.81 7.09
C THR B 182 5.30 9.04 6.28
N GLU B 183 5.05 8.83 4.99
CA GLU B 183 4.69 9.92 4.09
C GLU B 183 3.19 10.13 4.08
N MET B 184 2.77 11.38 3.88
CA MET B 184 1.35 11.70 3.80
C MET B 184 1.00 12.24 2.41
N ALA B 185 0.51 11.34 1.55
CA ALA B 185 0.08 11.69 0.20
C ALA B 185 1.17 12.44 -0.57
N SER B 186 2.35 11.84 -0.64
CA SER B 186 3.47 12.44 -1.37
C SER B 186 3.38 12.24 -2.87
N ILE B 187 3.67 13.29 -3.63
CA ILE B 187 3.73 13.17 -5.08
C ILE B 187 5.11 12.60 -5.43
N ASN B 188 5.15 11.66 -6.37
CA ASN B 188 6.40 11.05 -6.79
C ASN B 188 6.68 11.26 -8.27
N ASN B 189 7.17 12.44 -8.62
CA ASN B 189 7.47 12.76 -10.00
C ASN B 189 8.96 12.97 -10.24
N ARG B 190 9.31 13.60 -11.35
CA ARG B 190 10.69 13.75 -11.77
C ARG B 190 11.50 14.69 -10.89
N VAL B 191 10.81 15.56 -10.15
CA VAL B 191 11.50 16.55 -9.32
C VAL B 191 11.63 16.11 -7.86
N TYR B 192 10.56 15.51 -7.33
CA TYR B 192 10.55 15.09 -5.93
C TYR B 192 10.48 13.58 -5.74
N ARG B 193 11.63 12.92 -5.89
CA ARG B 193 11.69 11.46 -5.72
C ARG B 193 11.86 11.13 -4.24
N THR B 194 10.80 10.62 -3.63
CA THR B 194 10.83 10.22 -2.22
C THR B 194 10.99 8.72 -2.09
N ILE B 195 11.37 8.26 -0.90
CA ILE B 195 11.63 6.85 -0.67
C ILE B 195 10.34 6.04 -0.74
N GLY B 196 9.22 6.67 -0.39
CA GLY B 196 7.93 6.01 -0.42
C GLY B 196 7.67 5.12 0.77
N SER B 197 8.63 4.23 1.04
CA SER B 197 8.52 3.29 2.16
C SER B 197 8.68 4.00 3.50
N PRO B 198 7.93 3.55 4.52
CA PRO B 198 8.09 4.07 5.88
C PRO B 198 9.49 3.81 6.41
N LEU B 199 10.03 4.74 7.19
CA LEU B 199 11.39 4.63 7.70
C LEU B 199 11.42 4.49 9.21
N VAL B 200 12.08 3.44 9.70
CA VAL B 200 12.19 3.19 11.13
C VAL B 200 13.57 3.57 11.65
N PHE B 201 13.63 4.58 12.52
CA PHE B 201 14.89 5.06 13.06
C PHE B 201 15.08 4.62 14.52
N PRO B 202 16.29 4.15 14.85
CA PRO B 202 16.61 3.73 16.22
C PRO B 202 16.92 4.91 17.12
N LYS B 203 17.46 4.65 18.31
CA LYS B 203 17.82 5.72 19.23
C LYS B 203 19.05 6.47 18.73
N HIS B 204 19.21 7.70 19.20
CA HIS B 204 20.34 8.56 18.86
C HIS B 204 20.39 8.89 17.36
N HIS B 205 19.31 8.58 16.65
CA HIS B 205 19.17 8.96 15.26
C HIS B 205 18.27 10.18 15.17
N VAL B 206 18.73 11.21 14.48
CA VAL B 206 17.97 12.45 14.39
C VAL B 206 17.46 12.72 12.98
N VAL B 207 16.15 12.86 12.86
CA VAL B 207 15.54 13.21 11.58
C VAL B 207 15.09 14.67 11.59
N SER B 208 15.81 15.50 10.83
CA SER B 208 15.55 16.94 10.83
C SER B 208 14.80 17.39 9.57
N LEU B 209 13.63 17.99 9.78
CA LEU B 209 12.85 18.53 8.67
C LEU B 209 13.11 20.02 8.50
N GLN B 210 13.59 20.40 7.32
CA GLN B 210 13.96 21.79 7.04
C GLN B 210 13.17 22.35 5.86
N PRO B 211 12.57 23.55 6.05
CA PRO B 211 11.72 24.23 5.06
C PRO B 211 12.48 24.58 3.77
N VAL B 212 11.74 24.84 2.69
CA VAL B 212 12.39 25.24 1.44
C VAL B 212 12.02 26.65 0.98
N ASN B 213 10.84 26.79 0.39
CA ASN B 213 10.34 28.09 -0.06
C ASN B 213 9.08 28.52 0.69
N ASP B 214 8.99 28.08 1.94
CA ASP B 214 7.85 28.41 2.79
C ASP B 214 8.28 28.14 4.23
N LYS B 215 7.83 28.98 5.15
CA LYS B 215 8.28 28.85 6.54
C LYS B 215 7.15 28.77 7.55
N ASP B 216 5.92 28.60 7.07
CA ASP B 216 4.77 28.47 7.96
C ASP B 216 4.19 27.06 7.95
N PHE B 217 4.42 26.31 9.02
CA PHE B 217 3.92 24.95 9.09
C PHE B 217 3.07 24.71 10.34
N GLN B 218 2.12 23.79 10.23
CA GLN B 218 1.29 23.39 11.36
C GLN B 218 1.79 22.10 12.00
N ILE B 219 2.48 22.22 13.14
CA ILE B 219 3.01 21.05 13.83
C ILE B 219 1.99 20.45 14.78
N SER B 220 1.70 19.16 14.61
CA SER B 220 0.73 18.49 15.45
C SER B 220 1.39 17.41 16.31
N VAL B 221 1.15 17.49 17.62
CA VAL B 221 1.64 16.50 18.57
C VAL B 221 0.50 15.85 19.34
N ASP B 222 0.37 14.52 19.21
CA ASP B 222 -0.68 13.72 19.83
C ASP B 222 -1.94 14.47 20.27
N HIS B 223 -2.95 14.50 19.39
CA HIS B 223 -4.23 15.15 19.68
C HIS B 223 -4.13 16.67 19.86
N LEU B 224 -3.00 17.27 19.46
CA LEU B 224 -2.84 18.73 19.46
C LEU B 224 -2.60 19.25 18.04
N SER B 225 -2.47 20.57 17.90
CA SER B 225 -2.23 21.24 16.62
C SER B 225 -1.88 22.71 16.85
N ILE B 226 -0.61 23.06 16.70
CA ILE B 226 -0.17 24.45 16.89
C ILE B 226 0.44 25.01 15.61
N LEU B 227 0.34 26.33 15.43
CA LEU B 227 0.94 26.99 14.28
C LEU B 227 2.30 27.56 14.68
N HIS B 228 3.36 27.04 14.07
CA HIS B 228 4.70 27.54 14.34
C HIS B 228 5.17 28.45 13.21
N ARG B 229 5.45 29.70 13.54
CA ARG B 229 5.86 30.69 12.56
C ARG B 229 7.37 30.87 12.50
N ASP B 230 7.87 31.21 11.31
CA ASP B 230 9.30 31.44 11.09
C ASP B 230 10.13 30.24 11.54
N VAL B 231 9.77 29.06 11.06
CA VAL B 231 10.46 27.84 11.45
C VAL B 231 11.68 27.56 10.59
N GLN B 232 12.79 27.25 11.24
CA GLN B 232 14.03 26.95 10.54
C GLN B 232 14.35 25.47 10.59
N GLU B 233 13.91 24.79 11.63
CA GLU B 233 14.22 23.37 11.79
C GLU B 233 13.28 22.66 12.77
N ILE B 234 12.88 21.44 12.40
CA ILE B 234 12.07 20.58 13.26
C ILE B 234 12.81 19.25 13.46
N ARG B 235 13.29 19.01 14.67
CA ARG B 235 14.15 17.84 14.90
C ARG B 235 13.40 16.70 15.60
N TYR B 236 13.61 15.49 15.10
CA TYR B 236 12.99 14.29 15.66
C TYR B 236 14.03 13.32 16.21
N GLU B 237 13.77 12.81 17.42
CA GLU B 237 14.62 11.79 18.03
C GLU B 237 13.89 11.05 19.14
N VAL B 238 14.29 9.81 19.38
CA VAL B 238 13.68 9.02 20.45
C VAL B 238 14.02 9.62 21.81
N SER B 239 12.99 10.06 22.52
CA SER B 239 13.19 10.71 23.81
C SER B 239 13.73 9.76 24.87
N ALA B 240 14.48 10.30 25.81
CA ALA B 240 15.03 9.51 26.91
C ALA B 240 13.94 9.23 27.94
N LYS B 241 12.88 10.03 27.89
CA LYS B 241 11.76 9.88 28.80
C LYS B 241 10.85 8.76 28.33
N LYS B 242 10.34 7.97 29.27
CA LYS B 242 9.44 6.87 28.93
C LYS B 242 8.18 6.90 29.80
N ILE B 243 7.06 6.48 29.20
CA ILE B 243 5.80 6.39 29.92
C ILE B 243 5.65 5.03 30.60
N HIS B 244 5.19 5.02 31.85
CA HIS B 244 5.08 3.78 32.62
C HIS B 244 3.64 3.31 32.77
N PHE B 245 3.42 2.02 32.54
CA PHE B 245 2.10 1.41 32.66
C PHE B 245 2.02 0.45 33.84
N ALA B 246 0.84 0.34 34.44
CA ALA B 246 0.61 -0.59 35.55
C ALA B 246 0.08 -1.94 35.11
N ARG B 247 0.94 -2.96 35.14
CA ARG B 247 0.59 -4.31 34.73
C ARG B 247 0.09 -5.24 35.84
N PHE B 248 -1.08 -5.85 35.62
CA PHE B 248 -1.61 -6.84 36.55
C PHE B 248 -1.73 -8.21 35.87
N ARG B 249 -2.43 -8.25 34.74
CA ARG B 249 -2.57 -9.48 33.96
C ARG B 249 -1.73 -9.37 32.69
N SER B 250 -2.03 -10.22 31.71
CA SER B 250 -1.27 -10.26 30.48
C SER B 250 -2.17 -9.98 29.29
N PHE B 251 -2.11 -8.74 28.80
CA PHE B 251 -2.83 -8.34 27.61
C PHE B 251 -1.80 -7.96 26.55
N PRO B 252 -1.38 -8.94 25.74
CA PRO B 252 -0.34 -8.77 24.71
C PRO B 252 -0.66 -7.64 23.74
N PHE B 253 0.39 -6.98 23.25
CA PHE B 253 0.25 -5.88 22.31
C PHE B 253 -0.41 -6.35 21.03
N TRP B 254 -0.03 -7.54 20.58
CA TRP B 254 -0.52 -8.09 19.34
C TRP B 254 -2.00 -8.50 19.46
N ARG B 255 -2.45 -8.80 20.67
CA ARG B 255 -3.86 -9.10 20.89
C ARG B 255 -4.72 -7.86 20.74
N ARG B 256 -4.22 -6.72 21.24
CA ARG B 256 -4.95 -5.48 21.13
C ARG B 256 -5.01 -5.04 19.67
N VAL B 257 -3.99 -5.41 18.91
CA VAL B 257 -3.99 -5.19 17.47
C VAL B 257 -5.00 -6.13 16.81
N HIS B 258 -5.04 -7.37 17.30
CA HIS B 258 -5.95 -8.37 16.77
C HIS B 258 -7.41 -8.00 17.03
N ASP B 259 -7.70 -7.63 18.27
CA ASP B 259 -9.06 -7.31 18.69
C ASP B 259 -9.57 -6.01 18.09
N SER B 260 -8.66 -5.18 17.60
CA SER B 260 -9.06 -3.87 17.07
C SER B 260 -9.34 -3.92 15.58
N PHE B 261 -8.45 -4.55 14.82
CA PHE B 261 -8.54 -4.52 13.36
C PHE B 261 -9.06 -5.80 12.74
N ILE B 262 -8.86 -6.95 13.38
CA ILE B 262 -9.27 -8.19 12.74
C ILE B 262 -10.66 -8.65 13.17
N GLU B 263 -10.91 -8.69 14.47
CA GLU B 263 -12.18 -9.18 15.04
C GLU B 263 -12.11 -9.26 16.57
N ASP B 264 -13.28 -9.23 17.20
CA ASP B 264 -13.37 -9.45 18.64
C ASP B 264 -14.60 -10.34 18.91
N LEU B 265 -14.40 -11.64 18.78
CA LEU B 265 -15.50 -12.61 18.77
C LEU B 265 -16.24 -12.74 20.11
N GLU B 266 -15.63 -12.29 21.19
CA GLU B 266 -16.26 -12.38 22.50
C GLU B 266 -16.86 -11.04 22.92
N HIS B 267 -17.06 -10.16 21.96
CA HIS B 267 -17.71 -8.87 22.22
C HIS B 267 -18.56 -8.44 21.03
N MET C 1 -33.88 -26.21 -23.74
CA MET C 1 -32.87 -25.98 -24.77
C MET C 1 -31.55 -26.66 -24.43
N LYS C 2 -30.56 -26.44 -25.30
CA LYS C 2 -29.26 -27.08 -25.21
C LYS C 2 -28.43 -26.57 -24.03
N TYR C 3 -28.37 -27.33 -22.95
CA TYR C 3 -27.61 -26.90 -21.78
C TYR C 3 -26.56 -27.93 -21.32
N MET C 4 -25.82 -27.59 -20.27
CA MET C 4 -24.83 -28.48 -19.67
C MET C 4 -24.44 -27.97 -18.29
N ILE C 5 -23.78 -28.81 -17.50
CA ILE C 5 -23.35 -28.44 -16.16
C ILE C 5 -21.96 -28.99 -15.82
N THR C 6 -21.09 -28.12 -15.32
CA THR C 6 -19.77 -28.52 -14.84
C THR C 6 -19.73 -28.56 -13.32
N SER C 7 -18.94 -29.46 -12.76
CA SER C 7 -18.85 -29.61 -11.31
C SER C 7 -17.45 -29.34 -10.80
N LYS C 8 -17.35 -28.82 -9.58
CA LYS C 8 -16.07 -28.53 -8.95
C LYS C 8 -15.25 -29.79 -8.72
N GLY C 9 -15.85 -30.76 -8.03
CA GLY C 9 -15.18 -32.01 -7.72
C GLY C 9 -15.62 -32.59 -6.40
N ASP C 10 -16.00 -31.73 -5.46
CA ASP C 10 -16.48 -32.17 -4.16
C ASP C 10 -17.86 -32.80 -4.26
N GLU C 11 -18.32 -33.40 -3.17
CA GLU C 11 -19.60 -34.09 -3.15
C GLU C 11 -20.77 -33.11 -3.27
N LYS C 12 -20.59 -31.92 -2.70
CA LYS C 12 -21.64 -30.91 -2.71
C LYS C 12 -22.02 -30.45 -4.11
N SER C 13 -21.03 -30.29 -4.99
CA SER C 13 -21.29 -29.83 -6.35
C SER C 13 -21.88 -30.92 -7.24
N ASP C 14 -21.37 -32.14 -7.12
CA ASP C 14 -21.86 -33.25 -7.92
C ASP C 14 -23.29 -33.63 -7.53
N LEU C 15 -23.59 -33.53 -6.24
CA LEU C 15 -24.93 -33.83 -5.75
C LEU C 15 -25.92 -32.79 -6.24
N LEU C 16 -25.54 -31.52 -6.11
CA LEU C 16 -26.38 -30.41 -6.57
C LEU C 16 -26.53 -30.46 -8.09
N ARG C 17 -25.50 -30.96 -8.76
CA ARG C 17 -25.51 -31.08 -10.23
C ARG C 17 -26.62 -32.01 -10.70
N LEU C 18 -26.60 -33.25 -10.21
CA LEU C 18 -27.58 -34.26 -10.59
C LEU C 18 -29.01 -33.82 -10.25
N ASN C 19 -29.17 -33.17 -9.12
CA ASN C 19 -30.49 -32.72 -8.66
C ASN C 19 -31.09 -31.65 -9.58
N MET C 20 -30.22 -30.87 -10.22
CA MET C 20 -30.67 -29.84 -11.16
C MET C 20 -30.90 -30.42 -12.55
N ILE C 21 -30.05 -31.38 -12.94
CA ILE C 21 -30.19 -32.03 -14.24
C ILE C 21 -31.50 -32.79 -14.32
N ALA C 22 -31.93 -33.40 -13.21
CA ALA C 22 -33.20 -34.10 -13.19
C ALA C 22 -34.33 -33.10 -13.40
N GLY C 23 -34.46 -32.16 -12.47
CA GLY C 23 -35.32 -30.98 -12.60
C GLY C 23 -35.74 -30.54 -13.99
N PHE C 24 -34.81 -30.62 -14.94
CA PHE C 24 -35.03 -30.18 -16.31
C PHE C 24 -35.73 -31.25 -17.14
N GLY C 25 -35.99 -32.41 -16.54
CA GLY C 25 -36.68 -33.49 -17.23
C GLY C 25 -38.18 -33.35 -17.17
N TYR C 27 -39.02 -30.39 -18.80
CA TYR C 27 -39.16 -29.27 -19.72
C TYR C 27 -38.53 -29.62 -21.07
N ASP C 28 -38.47 -28.64 -21.96
CA ASP C 28 -37.83 -28.83 -23.25
C ASP C 28 -36.34 -28.53 -23.11
N MET C 29 -35.68 -29.20 -22.17
CA MET C 29 -34.26 -29.00 -21.96
C MET C 29 -33.45 -30.26 -22.28
N GLU C 30 -32.62 -30.16 -23.31
CA GLU C 30 -31.78 -31.27 -23.74
C GLU C 30 -30.34 -31.07 -23.28
N TYR C 31 -29.79 -32.05 -22.58
CA TYR C 31 -28.43 -31.96 -22.07
C TYR C 31 -27.44 -32.18 -23.20
N ASP C 32 -26.65 -31.14 -23.50
CA ASP C 32 -25.67 -31.22 -24.58
C ASP C 32 -24.35 -30.52 -24.24
N ASP C 33 -23.27 -31.27 -24.24
CA ASP C 33 -21.96 -30.75 -23.88
C ASP C 33 -21.11 -30.38 -25.09
N VAL C 34 -21.73 -30.34 -26.26
CA VAL C 34 -20.99 -29.99 -27.47
C VAL C 34 -21.40 -28.61 -28.00
N GLU C 35 -22.70 -28.36 -28.07
CA GLU C 35 -23.21 -27.06 -28.51
C GLU C 35 -24.28 -26.55 -27.55
N PRO C 36 -23.87 -26.20 -26.32
CA PRO C 36 -24.84 -25.74 -25.33
C PRO C 36 -25.24 -24.28 -25.53
N GLU C 37 -26.33 -23.88 -24.90
CA GLU C 37 -26.78 -22.49 -24.96
C GLU C 37 -26.73 -21.89 -23.56
N ILE C 38 -26.72 -22.76 -22.56
CA ILE C 38 -26.65 -22.35 -21.17
C ILE C 38 -25.69 -23.24 -20.38
N VAL C 39 -24.58 -22.67 -19.93
CA VAL C 39 -23.61 -23.41 -19.14
C VAL C 39 -23.68 -22.99 -17.68
N ILE C 40 -23.93 -23.96 -16.80
CA ILE C 40 -24.02 -23.68 -15.37
C ILE C 40 -22.82 -24.25 -14.62
N SER C 41 -22.09 -23.36 -13.93
CA SER C 41 -20.93 -23.78 -13.17
C SER C 41 -21.26 -23.89 -11.68
N ILE C 42 -20.96 -25.05 -11.10
CA ILE C 42 -21.24 -25.30 -9.70
C ILE C 42 -19.95 -25.56 -8.91
N GLY C 43 -19.66 -24.67 -7.97
CA GLY C 43 -18.45 -24.79 -7.17
C GLY C 43 -17.95 -23.44 -6.68
N GLY C 44 -17.04 -22.83 -7.43
CA GLY C 44 -16.50 -21.54 -7.06
C GLY C 44 -16.12 -20.72 -8.28
N ASP C 45 -15.38 -19.64 -8.07
CA ASP C 45 -14.93 -18.79 -9.17
C ASP C 45 -13.91 -19.53 -10.03
N GLY C 46 -13.07 -20.33 -9.38
CA GLY C 46 -12.09 -21.14 -10.08
C GLY C 46 -12.76 -22.17 -10.97
N THR C 47 -13.88 -22.69 -10.50
CA THR C 47 -14.67 -23.65 -11.27
C THR C 47 -15.32 -22.94 -12.46
N PHE C 48 -15.77 -21.71 -12.23
CA PHE C 48 -16.39 -20.91 -13.28
C PHE C 48 -15.40 -20.56 -14.39
N LEU C 49 -14.16 -20.29 -14.00
CA LEU C 49 -13.10 -19.96 -14.94
C LEU C 49 -12.84 -21.12 -15.89
N SER C 50 -12.92 -22.33 -15.36
CA SER C 50 -12.73 -23.53 -16.16
C SER C 50 -13.86 -23.68 -17.18
N ALA C 51 -15.08 -23.38 -16.76
CA ALA C 51 -16.24 -23.45 -17.62
C ALA C 51 -16.18 -22.40 -18.73
N PHE C 52 -15.51 -21.29 -18.44
CA PHE C 52 -15.34 -20.22 -19.41
C PHE C 52 -14.35 -20.65 -20.50
N HIS C 53 -13.21 -21.18 -20.08
CA HIS C 53 -12.18 -21.61 -21.01
C HIS C 53 -12.58 -22.88 -21.73
N GLN C 54 -13.53 -23.61 -21.16
CA GLN C 54 -14.02 -24.83 -21.78
C GLN C 54 -14.89 -24.49 -22.98
N TYR C 55 -15.47 -23.29 -22.97
CA TYR C 55 -16.34 -22.85 -24.04
C TYR C 55 -16.04 -21.40 -24.44
N GLU C 56 -14.76 -21.09 -24.59
CA GLU C 56 -14.32 -19.75 -24.97
C GLU C 56 -14.43 -19.57 -26.48
N GLU C 57 -14.69 -20.67 -27.18
CA GLU C 57 -14.82 -20.64 -28.63
C GLU C 57 -16.25 -20.31 -29.09
N ARG C 58 -17.23 -20.63 -28.26
CA ARG C 58 -18.63 -20.39 -28.57
C ARG C 58 -19.29 -19.43 -27.57
N LEU C 59 -18.59 -18.35 -27.24
CA LEU C 59 -19.07 -17.42 -26.22
C LEU C 59 -20.34 -16.65 -26.56
N ASP C 60 -20.64 -16.49 -27.84
CA ASP C 60 -21.79 -15.68 -28.25
C ASP C 60 -23.14 -16.38 -28.03
N GLU C 61 -23.13 -17.70 -27.88
CA GLU C 61 -24.38 -18.44 -27.79
C GLU C 61 -24.59 -19.04 -26.39
N ILE C 62 -23.72 -18.68 -25.45
CA ILE C 62 -23.82 -19.25 -24.11
C ILE C 62 -24.01 -18.19 -23.05
N ALA C 63 -25.06 -18.36 -22.24
CA ALA C 63 -25.28 -17.51 -21.08
C ALA C 63 -24.89 -18.27 -19.81
N PHE C 64 -23.85 -17.80 -19.15
CA PHE C 64 -23.29 -18.51 -18.00
C PHE C 64 -24.04 -18.20 -16.71
N ILE C 65 -24.09 -19.18 -15.83
CA ILE C 65 -24.68 -19.02 -14.50
C ILE C 65 -23.81 -19.75 -13.47
N GLY C 66 -23.43 -19.04 -12.42
CA GLY C 66 -22.55 -19.61 -11.42
C GLY C 66 -23.25 -19.88 -10.11
N ILE C 67 -22.98 -21.05 -9.54
CA ILE C 67 -23.53 -21.42 -8.24
C ILE C 67 -22.41 -21.81 -7.29
N HIS C 68 -22.32 -21.13 -6.15
CA HIS C 68 -21.25 -21.39 -5.19
C HIS C 68 -21.71 -22.35 -4.09
N THR C 69 -21.04 -23.49 -3.98
CA THR C 69 -21.36 -24.45 -2.93
C THR C 69 -20.64 -24.09 -1.64
N GLY C 70 -19.65 -23.21 -1.75
CA GLY C 70 -18.91 -22.74 -0.60
C GLY C 70 -19.19 -21.28 -0.30
N HIS C 71 -18.13 -20.49 -0.22
CA HIS C 71 -18.26 -19.07 0.04
C HIS C 71 -18.65 -18.31 -1.22
N LEU C 72 -19.19 -17.11 -1.03
CA LEU C 72 -19.67 -16.28 -2.15
C LEU C 72 -18.54 -15.88 -3.11
N GLY C 73 -18.79 -16.09 -4.40
CA GLY C 73 -17.84 -15.69 -5.43
C GLY C 73 -18.44 -14.58 -6.28
N PHE C 74 -17.62 -14.00 -7.15
CA PHE C 74 -18.09 -12.93 -8.03
C PHE C 74 -18.69 -13.46 -9.32
N TYR C 75 -18.41 -14.72 -9.62
CA TYR C 75 -19.02 -15.35 -10.79
C TYR C 75 -20.06 -16.37 -10.34
N ALA C 76 -19.73 -17.10 -9.28
CA ALA C 76 -20.69 -17.98 -8.65
C ALA C 76 -21.39 -17.20 -7.55
N ASP C 77 -22.46 -16.50 -7.92
CA ASP C 77 -23.14 -15.61 -6.99
C ASP C 77 -24.41 -16.19 -6.40
N TRP C 78 -24.96 -17.23 -7.02
CA TRP C 78 -26.23 -17.78 -6.56
C TRP C 78 -25.99 -18.90 -5.54
N ARG C 79 -26.77 -18.90 -4.48
CA ARG C 79 -26.68 -19.94 -3.44
C ARG C 79 -27.41 -21.22 -3.84
N PRO C 80 -26.91 -22.37 -3.34
CA PRO C 80 -27.45 -23.70 -3.63
C PRO C 80 -28.93 -23.84 -3.35
N ALA C 81 -29.40 -23.22 -2.26
CA ALA C 81 -30.81 -23.33 -1.89
C ALA C 81 -31.67 -22.39 -2.72
N GLU C 82 -31.17 -22.00 -3.89
CA GLU C 82 -31.93 -21.23 -4.86
C GLU C 82 -31.87 -21.92 -6.22
N ALA C 83 -31.29 -23.12 -6.24
CA ALA C 83 -31.17 -23.89 -7.47
C ALA C 83 -32.55 -24.38 -7.92
N ASP C 84 -33.47 -24.46 -6.96
CA ASP C 84 -34.83 -24.88 -7.25
C ASP C 84 -35.55 -23.93 -8.21
N LYS C 85 -35.52 -22.64 -7.89
CA LYS C 85 -36.21 -21.63 -8.69
C LYS C 85 -35.49 -21.35 -10.00
N LEU C 86 -34.18 -21.61 -10.03
CA LEU C 86 -33.38 -21.35 -11.23
C LEU C 86 -33.83 -22.26 -12.35
N VAL C 87 -34.16 -23.51 -12.01
CA VAL C 87 -34.59 -24.48 -12.99
C VAL C 87 -35.89 -24.04 -13.67
N LYS C 88 -36.82 -23.52 -12.88
CA LYS C 88 -38.09 -23.04 -13.41
C LYS C 88 -37.92 -21.77 -14.26
N LEU C 89 -37.07 -20.86 -13.77
CA LEU C 89 -36.83 -19.60 -14.46
C LEU C 89 -36.06 -19.81 -15.74
N LEU C 90 -35.24 -20.86 -15.78
CA LEU C 90 -34.42 -21.15 -16.94
C LEU C 90 -35.22 -21.96 -17.96
N ALA C 91 -36.44 -22.32 -17.59
CA ALA C 91 -37.31 -23.11 -18.46
C ALA C 91 -38.24 -22.24 -19.29
N LYS C 92 -38.79 -21.21 -18.67
CA LYS C 92 -39.65 -20.26 -19.37
C LYS C 92 -38.85 -19.44 -20.38
N GLY C 93 -37.56 -19.24 -20.08
CA GLY C 93 -36.71 -18.41 -20.91
C GLY C 93 -36.85 -16.96 -20.50
N GLU C 94 -37.29 -16.76 -19.27
CA GLU C 94 -37.51 -15.42 -18.73
C GLU C 94 -36.25 -14.89 -18.05
N TYR C 95 -35.34 -14.37 -18.85
CA TYR C 95 -34.10 -13.81 -18.32
C TYR C 95 -33.47 -12.77 -19.25
N GLN C 96 -32.72 -11.84 -18.65
CA GLN C 96 -32.02 -10.83 -19.41
C GLN C 96 -30.53 -11.14 -19.50
N LYS C 97 -29.82 -10.49 -20.42
CA LYS C 97 -28.43 -10.83 -20.69
C LYS C 97 -27.44 -9.71 -20.40
N VAL C 98 -26.60 -9.92 -19.38
CA VAL C 98 -25.54 -8.96 -19.03
C VAL C 98 -24.19 -9.43 -19.59
N SER C 99 -23.44 -8.51 -20.18
CA SER C 99 -22.16 -8.85 -20.79
C SER C 99 -20.97 -8.18 -20.09
N TYR C 100 -19.91 -8.95 -19.86
CA TYR C 100 -18.69 -8.42 -19.27
C TYR C 100 -17.54 -8.44 -20.28
N PRO C 101 -16.67 -7.43 -20.24
CA PRO C 101 -15.50 -7.32 -21.12
C PRO C 101 -14.46 -8.41 -20.87
N LEU C 102 -13.62 -8.67 -21.86
CA LEU C 102 -12.56 -9.68 -21.73
C LEU C 102 -11.21 -9.11 -22.14
N LEU C 103 -10.15 -9.81 -21.77
CA LEU C 103 -8.79 -9.38 -22.08
C LEU C 103 -8.15 -10.24 -23.16
N LYS C 104 -7.57 -9.59 -24.17
CA LYS C 104 -6.86 -10.29 -25.23
C LYS C 104 -5.36 -10.28 -25.00
N THR C 105 -4.77 -11.46 -24.90
CA THR C 105 -3.33 -11.59 -24.70
C THR C 105 -2.66 -12.18 -25.93
N THR C 106 -1.74 -11.42 -26.52
CA THR C 106 -1.05 -11.87 -27.72
C THR C 106 0.45 -12.01 -27.46
N VAL C 107 0.98 -13.20 -27.77
CA VAL C 107 2.40 -13.48 -27.57
C VAL C 107 3.12 -13.73 -28.89
N LYS C 108 4.27 -13.08 -29.08
CA LYS C 108 5.04 -13.24 -30.30
C LYS C 108 6.39 -13.87 -30.00
N TYR C 109 6.93 -14.60 -30.96
CA TYR C 109 8.17 -15.35 -30.76
C TYR C 109 9.23 -14.99 -31.78
N GLY C 110 10.36 -15.70 -31.74
CA GLY C 110 11.46 -15.43 -32.64
C GLY C 110 11.34 -16.19 -33.95
N LYS C 113 6.86 -19.97 -36.10
CA LYS C 113 6.85 -19.10 -34.93
C LYS C 113 5.45 -18.60 -34.63
N LYS C 114 4.86 -17.92 -35.62
CA LYS C 114 3.50 -17.37 -35.54
C LYS C 114 3.27 -16.46 -34.33
N GLU C 115 2.20 -16.74 -33.59
CA GLU C 115 1.79 -15.95 -32.43
C GLU C 115 0.57 -16.57 -31.75
N ALA C 116 0.56 -16.57 -30.42
CA ALA C 116 -0.50 -17.23 -29.66
C ALA C 116 -1.41 -16.22 -28.95
N THR C 117 -2.69 -16.28 -29.28
CA THR C 117 -3.68 -15.38 -28.68
C THR C 117 -4.45 -16.10 -27.58
N TYR C 118 -4.74 -15.38 -26.50
CA TYR C 118 -5.46 -15.95 -25.36
C TYR C 118 -6.59 -15.06 -24.89
N LEU C 119 -7.59 -15.65 -24.24
CA LEU C 119 -8.74 -14.91 -23.76
C LEU C 119 -8.83 -15.00 -22.24
N ALA C 120 -8.90 -13.86 -21.57
CA ALA C 120 -8.92 -13.83 -20.10
C ALA C 120 -10.24 -13.28 -19.53
N LEU C 121 -10.80 -14.02 -18.58
CA LEU C 121 -11.99 -13.57 -17.87
C LEU C 121 -11.62 -12.75 -16.63
N ASN C 122 -10.62 -13.23 -15.89
CA ASN C 122 -10.11 -12.51 -14.73
C ASN C 122 -8.96 -11.60 -15.09
N GLU C 123 -7.80 -12.19 -15.38
CA GLU C 123 -6.62 -11.43 -15.76
C GLU C 123 -5.56 -12.28 -16.44
N SER C 124 -4.51 -11.63 -16.92
CA SER C 124 -3.36 -12.31 -17.49
C SER C 124 -2.09 -11.71 -16.92
N THR C 125 -1.25 -12.54 -16.31
CA THR C 125 -0.03 -12.05 -15.67
C THR C 125 1.21 -12.58 -16.37
N VAL C 126 2.30 -11.83 -16.28
CA VAL C 126 3.57 -12.26 -16.84
C VAL C 126 4.67 -12.11 -15.80
N LYS C 127 5.23 -13.24 -15.37
CA LYS C 127 6.31 -13.25 -14.40
C LYS C 127 7.57 -13.83 -15.03
N SER C 128 8.60 -14.05 -14.22
CA SER C 128 9.84 -14.62 -14.73
C SER C 128 9.74 -16.15 -14.69
N SER C 129 10.89 -16.81 -14.82
CA SER C 129 10.93 -18.27 -14.77
C SER C 129 12.02 -18.73 -13.82
N GLY C 130 12.74 -17.75 -13.27
CA GLY C 130 13.81 -18.02 -12.33
C GLY C 130 14.08 -16.81 -11.46
N GLY C 131 15.04 -16.00 -11.89
CA GLY C 131 15.44 -14.82 -11.15
C GLY C 131 14.60 -13.59 -11.44
N PRO C 132 15.25 -12.47 -11.77
CA PRO C 132 14.60 -11.17 -11.98
C PRO C 132 13.71 -11.12 -13.22
N PHE C 133 12.64 -10.33 -13.14
CA PHE C 133 11.74 -10.10 -14.26
C PHE C 133 11.93 -8.67 -14.78
N VAL C 134 12.63 -8.54 -15.91
CA VAL C 134 12.92 -7.22 -16.45
C VAL C 134 12.37 -7.06 -17.87
N VAL C 135 11.39 -6.17 -18.03
CA VAL C 135 10.81 -5.89 -19.34
C VAL C 135 10.63 -4.39 -19.55
N ASP C 136 10.32 -4.01 -20.78
CA ASP C 136 10.03 -2.62 -21.11
C ASP C 136 8.56 -2.48 -21.45
N VAL C 137 7.84 -1.65 -20.69
CA VAL C 137 6.42 -1.45 -20.92
C VAL C 137 6.21 -0.43 -22.02
N VAL C 138 5.62 -0.88 -23.13
CA VAL C 138 5.39 -0.03 -24.29
C VAL C 138 3.90 0.22 -24.50
N ILE C 139 3.49 1.47 -24.34
CA ILE C 139 2.08 1.85 -24.50
C ILE C 139 1.86 2.52 -25.85
N ASN C 140 1.08 1.87 -26.71
CA ASN C 140 0.77 2.37 -28.05
C ASN C 140 2.03 2.72 -28.84
N ASP C 141 2.93 1.73 -28.98
CA ASP C 141 4.18 1.89 -29.71
C ASP C 141 5.06 2.99 -29.12
N ILE C 142 4.86 3.28 -27.84
CA ILE C 142 5.66 4.30 -27.16
C ILE C 142 6.14 3.78 -25.81
N HIS C 143 7.43 3.92 -25.55
CA HIS C 143 8.03 3.46 -24.30
C HIS C 143 7.49 4.23 -23.10
N PHE C 144 7.18 3.49 -22.03
CA PHE C 144 6.63 4.11 -20.82
C PHE C 144 7.57 3.95 -19.64
N GLU C 145 8.06 2.73 -19.41
CA GLU C 145 8.94 2.45 -18.28
C GLU C 145 9.70 1.14 -18.46
N ARG C 146 10.79 0.98 -17.71
CA ARG C 146 11.47 -0.29 -17.66
C ARG C 146 11.24 -0.94 -16.30
N PHE C 147 10.49 -2.03 -16.30
CA PHE C 147 10.04 -2.69 -15.08
C PHE C 147 11.03 -3.72 -14.58
N ARG C 148 11.15 -3.84 -13.26
CA ARG C 148 11.94 -4.92 -12.68
C ARG C 148 11.34 -5.34 -11.34
N GLY C 149 10.92 -6.59 -11.24
CA GLY C 149 10.32 -7.10 -10.02
C GLY C 149 9.85 -8.54 -10.21
N ASP C 150 8.70 -8.86 -9.63
CA ASP C 150 8.14 -10.20 -9.78
C ASP C 150 7.41 -10.35 -11.10
N GLY C 151 6.57 -9.37 -11.44
CA GLY C 151 5.84 -9.42 -12.70
C GLY C 151 4.82 -8.31 -12.87
N LEU C 152 3.97 -8.46 -13.87
CA LEU C 152 2.91 -7.49 -14.16
C LEU C 152 1.56 -8.18 -14.31
N CYS C 153 0.49 -7.46 -13.96
CA CYS C 153 -0.85 -8.03 -14.00
C CYS C 153 -1.83 -7.15 -14.75
N MET C 154 -2.26 -7.59 -15.93
CA MET C 154 -3.29 -6.90 -16.67
C MET C 154 -4.65 -7.53 -16.38
N SER C 155 -5.54 -6.76 -15.75
CA SER C 155 -6.79 -7.31 -15.26
C SER C 155 -8.02 -6.85 -16.03
N THR C 156 -9.03 -7.70 -16.05
CA THR C 156 -10.34 -7.35 -16.60
C THR C 156 -11.14 -6.62 -15.52
N PRO C 157 -12.15 -5.84 -15.93
CA PRO C 157 -13.00 -5.14 -14.95
C PRO C 157 -13.64 -6.09 -13.93
N SER C 158 -14.08 -7.24 -14.41
CA SER C 158 -14.68 -8.24 -13.53
C SER C 158 -13.61 -8.97 -12.73
N GLY C 159 -12.37 -8.93 -13.23
CA GLY C 159 -11.27 -9.60 -12.56
C GLY C 159 -10.53 -8.70 -11.59
N THR C 160 -10.98 -7.46 -11.47
CA THR C 160 -10.37 -6.50 -10.55
C THR C 160 -10.56 -6.91 -9.10
N THR C 161 -11.65 -7.63 -8.84
CA THR C 161 -11.98 -8.07 -7.49
C THR C 161 -11.21 -9.32 -7.10
N ALA C 162 -10.34 -9.79 -7.98
CA ALA C 162 -9.57 -11.00 -7.75
C ALA C 162 -8.12 -10.67 -7.37
N TYR C 163 -7.19 -11.14 -8.20
CA TYR C 163 -5.75 -10.94 -7.97
C TYR C 163 -5.39 -9.45 -7.96
N ASN C 164 -6.11 -8.69 -8.79
CA ASN C 164 -5.87 -7.25 -8.91
C ASN C 164 -5.98 -6.53 -7.57
N LYS C 165 -7.00 -6.86 -6.78
CA LYS C 165 -7.22 -6.21 -5.50
C LYS C 165 -6.11 -6.57 -4.50
N SER C 166 -5.67 -7.82 -4.55
CA SER C 166 -4.63 -8.29 -3.64
C SER C 166 -3.30 -7.61 -3.92
N LEU C 167 -3.12 -7.19 -5.17
CA LEU C 167 -1.88 -6.53 -5.59
C LEU C 167 -1.97 -5.02 -5.36
N GLY C 168 -3.09 -4.57 -4.82
CA GLY C 168 -3.28 -3.16 -4.51
C GLY C 168 -3.96 -2.40 -5.64
N GLY C 169 -4.55 -3.15 -6.57
CA GLY C 169 -5.22 -2.55 -7.70
C GLY C 169 -6.58 -1.95 -7.35
N ALA C 170 -7.13 -1.18 -8.28
CA ALA C 170 -8.43 -0.55 -8.07
C ALA C 170 -9.55 -1.45 -8.53
N LEU C 171 -10.73 -1.28 -7.93
CA LEU C 171 -11.90 -2.06 -8.28
C LEU C 171 -12.73 -1.34 -9.35
N MET C 172 -12.82 -1.96 -10.52
CA MET C 172 -13.55 -1.37 -11.64
C MET C 172 -14.89 -2.06 -11.85
N HIS C 173 -15.91 -1.28 -12.20
CA HIS C 173 -17.22 -1.84 -12.48
C HIS C 173 -17.20 -2.49 -13.86
N PRO C 174 -17.76 -3.71 -13.96
CA PRO C 174 -17.73 -4.49 -15.21
C PRO C 174 -18.49 -3.85 -16.37
N SER C 175 -19.24 -2.78 -16.12
CA SER C 175 -19.94 -2.07 -17.19
C SER C 175 -18.96 -1.21 -17.99
N ILE C 176 -17.77 -1.02 -17.44
CA ILE C 176 -16.72 -0.22 -18.08
C ILE C 176 -15.83 -1.11 -18.94
N GLU C 177 -15.75 -0.82 -20.23
CA GLU C 177 -14.90 -1.59 -21.13
C GLU C 177 -13.47 -1.07 -21.09
N ALA C 178 -12.67 -1.67 -20.21
CA ALA C 178 -11.28 -1.24 -20.02
C ALA C 178 -10.43 -2.37 -19.44
N MET C 179 -9.17 -2.05 -19.13
CA MET C 179 -8.27 -3.00 -18.52
C MET C 179 -7.29 -2.30 -17.57
N GLN C 180 -6.92 -2.98 -16.50
CA GLN C 180 -6.06 -2.36 -15.47
C GLN C 180 -4.74 -3.10 -15.30
N LEU C 181 -3.65 -2.34 -15.35
CA LEU C 181 -2.30 -2.91 -15.18
C LEU C 181 -1.74 -2.60 -13.79
N THR C 182 -1.37 -3.65 -13.06
CA THR C 182 -0.81 -3.48 -11.72
C THR C 182 0.58 -4.10 -11.60
N GLU C 183 1.39 -3.53 -10.72
CA GLU C 183 2.75 -4.00 -10.50
C GLU C 183 2.81 -5.09 -9.43
N MET C 184 3.78 -6.00 -9.57
CA MET C 184 3.99 -7.04 -8.58
C MET C 184 5.37 -6.90 -7.93
N ALA C 185 5.41 -6.25 -6.77
CA ALA C 185 6.65 -6.08 -6.01
C ALA C 185 7.77 -5.48 -6.86
N SER C 186 7.52 -4.31 -7.43
CA SER C 186 8.52 -3.65 -8.26
C SER C 186 9.59 -2.94 -7.43
N ILE C 187 10.85 -3.10 -7.83
CA ILE C 187 11.94 -2.38 -7.18
C ILE C 187 12.03 -0.97 -7.78
N ASN C 188 11.48 0.01 -7.07
CA ASN C 188 11.49 1.39 -7.53
C ASN C 188 12.76 2.14 -7.13
N ASN C 189 13.83 1.92 -7.89
CA ASN C 189 15.10 2.59 -7.62
C ASN C 189 15.51 3.52 -8.77
N ARG C 190 16.78 3.91 -8.80
CA ARG C 190 17.27 4.88 -9.76
C ARG C 190 17.37 4.34 -11.19
N VAL C 191 17.44 3.02 -11.31
CA VAL C 191 17.60 2.41 -12.62
C VAL C 191 16.25 1.99 -13.19
N TYR C 192 15.41 1.42 -12.34
CA TYR C 192 14.09 0.97 -12.78
C TYR C 192 12.97 1.77 -12.09
N ARG C 193 12.76 3.00 -12.57
CA ARG C 193 11.74 3.87 -12.00
C ARG C 193 10.38 3.57 -12.63
N THR C 194 9.51 2.93 -11.87
CA THR C 194 8.17 2.59 -12.35
C THR C 194 7.14 3.57 -11.84
N ILE C 195 5.96 3.58 -12.47
CA ILE C 195 4.92 4.54 -12.13
C ILE C 195 4.34 4.23 -10.74
N GLY C 196 4.38 2.97 -10.35
CA GLY C 196 3.87 2.56 -9.05
C GLY C 196 2.36 2.42 -9.02
N SER C 197 1.66 3.45 -9.48
CA SER C 197 0.21 3.44 -9.51
C SER C 197 -0.33 2.50 -10.57
N PRO C 198 -1.44 1.82 -10.27
CA PRO C 198 -2.11 0.98 -11.27
C PRO C 198 -2.57 1.80 -12.48
N LEU C 199 -2.48 1.22 -13.66
CA LEU C 199 -2.83 1.94 -14.88
C LEU C 199 -4.06 1.33 -15.55
N VAL C 200 -5.07 2.16 -15.78
CA VAL C 200 -6.30 1.69 -16.42
C VAL C 200 -6.36 2.14 -17.88
N PHE C 201 -6.33 1.18 -18.79
CA PHE C 201 -6.33 1.47 -20.22
C PHE C 201 -7.69 1.19 -20.85
N PRO C 202 -8.15 2.11 -21.71
CA PRO C 202 -9.44 2.01 -22.41
C PRO C 202 -9.36 1.07 -23.62
N LYS C 203 -10.39 1.11 -24.45
CA LYS C 203 -10.43 0.30 -25.66
C LYS C 203 -9.44 0.81 -26.69
N HIS C 204 -9.03 -0.09 -27.60
CA HIS C 204 -8.14 0.24 -28.71
C HIS C 204 -6.76 0.72 -28.24
N HIS C 205 -6.48 0.53 -26.95
CA HIS C 205 -5.16 0.83 -26.40
C HIS C 205 -4.36 -0.45 -26.22
N VAL C 206 -3.13 -0.44 -26.72
CA VAL C 206 -2.29 -1.64 -26.67
C VAL C 206 -1.08 -1.46 -25.74
N VAL C 207 -0.98 -2.33 -24.74
CA VAL C 207 0.15 -2.35 -23.83
C VAL C 207 1.09 -3.50 -24.19
N SER C 208 2.24 -3.17 -24.74
CA SER C 208 3.19 -4.18 -25.20
C SER C 208 4.35 -4.38 -24.24
N LEU C 209 4.49 -5.60 -23.74
CA LEU C 209 5.61 -5.94 -22.87
C LEU C 209 6.74 -6.56 -23.69
N GLN C 210 7.89 -5.90 -23.67
CA GLN C 210 9.04 -6.36 -24.46
C GLN C 210 10.23 -6.69 -23.55
N PRO C 211 10.83 -7.86 -23.78
CA PRO C 211 11.96 -8.36 -22.97
C PRO C 211 13.19 -7.46 -23.04
N VAL C 212 14.09 -7.64 -22.08
CA VAL C 212 15.34 -6.89 -22.06
C VAL C 212 16.54 -7.82 -22.24
N ASN C 213 16.83 -8.63 -21.22
CA ASN C 213 17.95 -9.56 -21.31
C ASN C 213 17.52 -11.02 -21.36
N ASP C 214 16.31 -11.32 -20.89
CA ASP C 214 15.81 -12.69 -20.88
C ASP C 214 14.54 -12.79 -21.71
N LYS C 215 14.35 -13.94 -22.36
CA LYS C 215 13.22 -14.11 -23.28
C LYS C 215 12.36 -15.32 -22.91
N ASP C 216 12.58 -15.85 -21.71
CA ASP C 216 11.80 -16.96 -21.19
C ASP C 216 10.92 -16.52 -20.02
N PHE C 217 9.61 -16.45 -20.25
CA PHE C 217 8.70 -15.96 -19.22
C PHE C 217 7.61 -16.98 -18.88
N GLN C 218 7.10 -16.89 -17.65
CA GLN C 218 5.96 -17.70 -17.24
C GLN C 218 4.69 -16.89 -17.41
N ILE C 219 4.00 -17.13 -18.52
CA ILE C 219 2.77 -16.40 -18.81
C ILE C 219 1.56 -17.13 -18.24
N SER C 220 0.80 -16.44 -17.40
CA SER C 220 -0.38 -17.02 -16.77
C SER C 220 -1.65 -16.33 -17.24
N VAL C 221 -2.61 -17.11 -17.68
CA VAL C 221 -3.91 -16.57 -18.06
C VAL C 221 -4.99 -17.19 -17.17
N ASP C 222 -5.66 -16.33 -16.41
CA ASP C 222 -6.69 -16.75 -15.45
C ASP C 222 -6.18 -17.82 -14.48
N HIS C 223 -6.37 -19.09 -14.84
CA HIS C 223 -5.96 -20.21 -14.00
C HIS C 223 -4.89 -21.10 -14.61
N LEU C 224 -4.60 -20.92 -15.89
CA LEU C 224 -3.54 -21.70 -16.52
C LEU C 224 -2.26 -20.89 -16.68
N SER C 225 -1.16 -21.47 -16.21
CA SER C 225 0.13 -20.81 -16.23
C SER C 225 1.16 -21.72 -16.89
N ILE C 226 1.54 -21.36 -18.10
CA ILE C 226 2.51 -22.14 -18.88
C ILE C 226 3.77 -21.32 -19.13
N LEU C 227 4.88 -22.02 -19.36
CA LEU C 227 6.15 -21.36 -19.58
C LEU C 227 6.40 -21.16 -21.07
N HIS C 228 6.53 -19.90 -21.48
CA HIS C 228 6.78 -19.55 -22.87
C HIS C 228 8.24 -19.21 -23.12
N ARG C 229 8.90 -19.97 -23.97
CA ARG C 229 10.29 -19.72 -24.33
C ARG C 229 10.42 -18.96 -25.64
N ASP C 230 11.51 -18.20 -25.76
CA ASP C 230 11.80 -17.39 -26.94
C ASP C 230 10.68 -16.39 -27.22
N VAL C 231 10.33 -15.62 -26.20
CA VAL C 231 9.28 -14.61 -26.32
C VAL C 231 9.87 -13.29 -26.82
N GLN C 232 9.24 -12.71 -27.83
CA GLN C 232 9.72 -11.45 -28.39
C GLN C 232 8.83 -10.27 -28.00
N GLU C 233 7.55 -10.55 -27.80
CA GLU C 233 6.59 -9.49 -27.49
C GLU C 233 5.31 -10.04 -26.85
N ILE C 234 4.82 -9.35 -25.84
CA ILE C 234 3.55 -9.69 -25.21
C ILE C 234 2.60 -8.49 -25.22
N ARG C 235 1.55 -8.57 -26.02
CA ARG C 235 0.63 -7.45 -26.21
C ARG C 235 -0.68 -7.62 -25.43
N TYR C 236 -1.11 -6.54 -24.77
CA TYR C 236 -2.36 -6.52 -24.04
C TYR C 236 -3.33 -5.50 -24.61
N GLU C 237 -4.58 -5.91 -24.80
CA GLU C 237 -5.63 -5.02 -25.28
C GLU C 237 -7.01 -5.58 -24.95
N VAL C 238 -7.99 -4.70 -24.81
CA VAL C 238 -9.36 -5.11 -24.51
C VAL C 238 -9.96 -5.86 -25.70
N SER C 239 -10.27 -7.14 -25.48
CA SER C 239 -10.81 -7.98 -26.54
C SER C 239 -12.19 -7.54 -26.99
N ALA C 240 -12.50 -7.78 -28.26
CA ALA C 240 -13.81 -7.44 -28.81
C ALA C 240 -14.87 -8.44 -28.39
N LYS C 241 -14.42 -9.63 -27.99
CA LYS C 241 -15.33 -10.68 -27.54
C LYS C 241 -15.75 -10.46 -26.08
N LYS C 242 -17.01 -10.76 -25.78
CA LYS C 242 -17.54 -10.55 -24.44
C LYS C 242 -18.22 -11.81 -23.90
N ILE C 243 -18.14 -12.00 -22.59
CA ILE C 243 -18.79 -13.12 -21.93
C ILE C 243 -20.23 -12.73 -21.53
N HIS C 244 -21.17 -13.64 -21.77
CA HIS C 244 -22.58 -13.34 -21.51
C HIS C 244 -23.13 -14.08 -20.30
N PHE C 245 -23.82 -13.33 -19.45
CA PHE C 245 -24.46 -13.91 -18.26
C PHE C 245 -25.98 -13.88 -18.36
N ALA C 246 -26.64 -14.88 -17.79
CA ALA C 246 -28.09 -14.89 -17.73
C ALA C 246 -28.52 -14.30 -16.39
N ARG C 247 -29.00 -13.06 -16.42
CA ARG C 247 -29.38 -12.36 -15.19
C ARG C 247 -30.86 -12.60 -14.92
N PHE C 248 -31.18 -13.00 -13.69
CA PHE C 248 -32.56 -13.29 -13.31
C PHE C 248 -33.08 -12.27 -12.31
N ARG C 249 -32.36 -12.11 -11.21
CA ARG C 249 -32.69 -11.13 -10.19
C ARG C 249 -31.71 -9.97 -10.24
N SER C 250 -31.63 -9.19 -9.16
CA SER C 250 -30.77 -8.02 -9.15
C SER C 250 -29.72 -8.13 -8.05
N PHE C 251 -28.52 -8.52 -8.45
CA PHE C 251 -27.38 -8.58 -7.54
C PHE C 251 -26.31 -7.60 -8.01
N PRO C 252 -26.37 -6.35 -7.51
CA PRO C 252 -25.44 -5.28 -7.90
C PRO C 252 -23.99 -5.66 -7.67
N PHE C 253 -23.10 -5.18 -8.54
CA PHE C 253 -21.68 -5.50 -8.46
C PHE C 253 -21.04 -5.00 -7.16
N TRP C 254 -21.36 -3.77 -6.78
CA TRP C 254 -20.79 -3.18 -5.57
C TRP C 254 -21.35 -3.82 -4.33
N ARG C 255 -22.57 -4.35 -4.45
CA ARG C 255 -23.21 -5.08 -3.37
C ARG C 255 -22.48 -6.40 -3.18
N ARG C 256 -22.09 -7.01 -4.30
CA ARG C 256 -21.35 -8.26 -4.29
C ARG C 256 -19.92 -8.06 -3.76
N VAL C 257 -19.38 -6.87 -4.00
CA VAL C 257 -18.09 -6.49 -3.43
C VAL C 257 -18.23 -6.29 -1.93
N HIS C 258 -19.35 -5.70 -1.53
CA HIS C 258 -19.63 -5.44 -0.13
C HIS C 258 -19.69 -6.75 0.64
N ASP C 259 -20.42 -7.72 0.08
CA ASP C 259 -20.61 -9.01 0.72
C ASP C 259 -19.34 -9.85 0.80
N SER C 260 -18.35 -9.50 -0.02
CA SER C 260 -17.11 -10.31 -0.02
C SER C 260 -16.06 -9.74 0.95
N PHE C 261 -15.84 -8.44 0.88
CA PHE C 261 -14.73 -7.82 1.61
C PHE C 261 -15.12 -7.03 2.86
N ILE C 262 -16.34 -6.51 2.89
CA ILE C 262 -16.72 -5.62 3.98
C ILE C 262 -17.41 -6.34 5.14
N GLU C 263 -18.29 -7.28 4.85
CA GLU C 263 -19.02 -7.93 5.94
C GLU C 263 -18.14 -9.00 6.58
N LYS D 2 -14.26 35.43 -31.29
CA LYS D 2 -14.80 35.35 -29.94
C LYS D 2 -13.92 34.48 -29.05
N TYR D 3 -12.76 35.00 -28.69
CA TYR D 3 -11.82 34.27 -27.84
C TYR D 3 -11.46 35.09 -26.61
N MET D 4 -10.57 34.56 -25.77
CA MET D 4 -10.14 35.25 -24.56
C MET D 4 -8.86 34.62 -24.00
N ILE D 5 -8.20 35.32 -23.08
CA ILE D 5 -6.99 34.83 -22.44
C ILE D 5 -7.00 35.15 -20.95
N THR D 6 -6.73 34.13 -20.13
CA THR D 6 -6.58 34.29 -18.69
C THR D 6 -5.10 34.20 -18.32
N SER D 7 -4.71 34.96 -17.30
CA SER D 7 -3.32 35.01 -16.88
C SER D 7 -3.13 34.58 -15.43
N LYS D 8 -1.96 34.04 -15.13
CA LYS D 8 -1.62 33.61 -13.77
C LYS D 8 -1.64 34.78 -12.81
N GLY D 9 -0.89 35.82 -13.14
CA GLY D 9 -0.80 37.00 -12.29
C GLY D 9 0.56 37.64 -12.40
N ASP D 10 1.58 36.83 -12.70
CA ASP D 10 2.93 37.33 -12.84
C ASP D 10 3.09 38.15 -14.12
N GLU D 11 4.22 38.82 -14.25
CA GLU D 11 4.48 39.68 -15.40
C GLU D 11 4.71 38.86 -16.67
N LYS D 12 5.34 37.70 -16.51
CA LYS D 12 5.66 36.83 -17.65
C LYS D 12 4.40 36.36 -18.37
N SER D 13 3.37 36.04 -17.59
CA SER D 13 2.11 35.58 -18.15
C SER D 13 1.34 36.75 -18.73
N ASP D 14 1.38 37.88 -18.05
CA ASP D 14 0.70 39.09 -18.49
C ASP D 14 1.33 39.62 -19.76
N LEU D 15 2.65 39.47 -19.86
CA LEU D 15 3.38 39.91 -21.05
C LEU D 15 3.01 39.04 -22.25
N LEU D 16 3.00 37.73 -22.04
CA LEU D 16 2.64 36.78 -23.08
C LEU D 16 1.18 36.95 -23.49
N ARG D 17 0.36 37.38 -22.54
CA ARG D 17 -1.05 37.61 -22.79
C ARG D 17 -1.27 38.70 -23.85
N LEU D 18 -0.70 39.87 -23.61
CA LEU D 18 -0.84 41.00 -24.53
C LEU D 18 -0.32 40.66 -25.92
N ASN D 19 0.80 39.92 -25.97
CA ASN D 19 1.43 39.55 -27.22
C ASN D 19 0.56 38.63 -28.07
N MET D 20 -0.27 37.83 -27.41
CA MET D 20 -1.19 36.92 -28.10
C MET D 20 -2.47 37.66 -28.49
N ILE D 21 -2.88 38.61 -27.67
CA ILE D 21 -4.07 39.43 -27.94
C ILE D 21 -3.91 40.20 -29.24
N ALA D 22 -2.68 40.63 -29.53
CA ALA D 22 -2.41 41.32 -30.78
C ALA D 22 -2.69 40.38 -31.95
N GLY D 23 -1.98 39.26 -31.98
CA GLY D 23 -2.24 38.17 -32.91
C GLY D 23 -2.49 38.57 -34.35
N TYR D 31 -12.24 39.64 -29.14
CA TYR D 31 -12.07 39.40 -27.70
C TYR D 31 -13.37 39.61 -26.93
N ASP D 32 -13.87 38.55 -26.33
CA ASP D 32 -15.09 38.62 -25.54
C ASP D 32 -14.99 37.73 -24.31
N ASP D 33 -15.08 38.35 -23.14
CA ASP D 33 -14.97 37.62 -21.87
C ASP D 33 -16.34 37.36 -21.27
N VAL D 34 -17.37 37.55 -22.09
CA VAL D 34 -18.75 37.31 -21.67
C VAL D 34 -19.30 36.08 -22.38
N GLU D 35 -19.02 35.99 -23.68
CA GLU D 35 -19.45 34.86 -24.48
C GLU D 35 -18.28 34.29 -25.27
N PRO D 36 -17.28 33.72 -24.57
CA PRO D 36 -16.13 33.22 -25.32
C PRO D 36 -16.36 31.85 -25.94
N GLU D 37 -15.56 31.52 -26.95
CA GLU D 37 -15.61 30.20 -27.58
C GLU D 37 -14.25 29.50 -27.49
N ILE D 38 -13.21 30.29 -27.26
CA ILE D 38 -11.86 29.76 -27.13
C ILE D 38 -11.17 30.42 -25.95
N VAL D 39 -10.89 29.63 -24.92
CA VAL D 39 -10.25 30.13 -23.71
C VAL D 39 -8.80 29.70 -23.59
N ILE D 40 -7.90 30.68 -23.48
CA ILE D 40 -6.48 30.39 -23.33
C ILE D 40 -6.01 30.70 -21.90
N SER D 41 -5.50 29.68 -21.23
CA SER D 41 -4.98 29.84 -19.87
C SER D 41 -3.46 29.92 -19.90
N ILE D 42 -2.91 30.98 -19.32
CA ILE D 42 -1.47 31.16 -19.28
C ILE D 42 -0.96 31.16 -17.85
N GLY D 43 -0.16 30.16 -17.51
CA GLY D 43 0.40 30.03 -16.18
C GLY D 43 0.67 28.59 -15.81
N GLY D 44 -0.29 27.96 -15.13
CA GLY D 44 -0.15 26.56 -14.73
C GLY D 44 -1.47 25.84 -14.66
N ASP D 45 -1.46 24.65 -14.08
CA ASP D 45 -2.69 23.86 -13.92
C ASP D 45 -3.63 24.50 -12.91
N GLY D 46 -3.06 25.06 -11.85
CA GLY D 46 -3.85 25.76 -10.84
C GLY D 46 -4.52 26.98 -11.43
N THR D 47 -3.81 27.66 -12.33
CA THR D 47 -4.36 28.79 -13.07
C THR D 47 -5.43 28.33 -14.04
N PHE D 48 -5.21 27.16 -14.62
CA PHE D 48 -6.13 26.57 -15.59
C PHE D 48 -7.47 26.26 -14.94
N LEU D 49 -7.43 25.83 -13.68
CA LEU D 49 -8.64 25.52 -12.93
C LEU D 49 -9.52 26.76 -12.74
N SER D 50 -8.88 27.91 -12.57
CA SER D 50 -9.61 29.17 -12.40
C SER D 50 -10.35 29.54 -13.68
N ALA D 51 -9.71 29.31 -14.83
CA ALA D 51 -10.33 29.60 -16.12
C ALA D 51 -11.50 28.64 -16.37
N PHE D 52 -11.40 27.46 -15.80
CA PHE D 52 -12.44 26.44 -15.92
C PHE D 52 -13.68 26.77 -15.10
N HIS D 53 -13.48 27.12 -13.84
CA HIS D 53 -14.58 27.41 -12.92
C HIS D 53 -15.27 28.73 -13.27
N GLN D 54 -14.58 29.56 -14.03
CA GLN D 54 -15.11 30.84 -14.46
C GLN D 54 -16.21 30.66 -15.51
N TYR D 55 -16.18 29.55 -16.22
CA TYR D 55 -17.15 29.32 -17.30
C TYR D 55 -17.73 27.91 -17.32
N GLU D 56 -18.19 27.43 -16.16
CA GLU D 56 -18.73 26.07 -16.07
C GLU D 56 -20.17 25.89 -16.57
N GLU D 57 -20.87 26.98 -16.85
CA GLU D 57 -22.23 26.87 -17.37
C GLU D 57 -22.25 26.72 -18.89
N ARG D 58 -21.24 27.25 -19.55
CA ARG D 58 -21.15 27.18 -21.01
C ARG D 58 -19.95 26.38 -21.47
N LEU D 59 -19.69 25.26 -20.80
CA LEU D 59 -18.56 24.40 -21.12
C LEU D 59 -18.76 23.75 -22.48
N ASP D 60 -20.02 23.69 -22.90
CA ASP D 60 -20.39 23.02 -24.14
C ASP D 60 -19.99 23.83 -25.37
N GLU D 61 -19.74 25.13 -25.17
CA GLU D 61 -19.44 26.03 -26.27
C GLU D 61 -18.01 26.57 -26.22
N ILE D 62 -17.20 26.05 -25.30
CA ILE D 62 -15.85 26.55 -25.11
C ILE D 62 -14.77 25.47 -25.30
N ALA D 63 -13.79 25.77 -26.15
CA ALA D 63 -12.62 24.90 -26.31
C ALA D 63 -11.40 25.49 -25.60
N PHE D 64 -10.93 24.79 -24.57
CA PHE D 64 -9.85 25.28 -23.72
C PHE D 64 -8.44 25.00 -24.25
N ILE D 65 -7.51 25.90 -23.95
CA ILE D 65 -6.10 25.74 -24.30
C ILE D 65 -5.21 26.19 -23.15
N GLY D 66 -4.27 25.34 -22.74
CA GLY D 66 -3.40 25.67 -21.63
C GLY D 66 -1.96 25.93 -22.05
N ILE D 67 -1.38 26.99 -21.50
CA ILE D 67 0.02 27.33 -21.75
C ILE D 67 0.76 27.48 -20.43
N HIS D 68 1.83 26.72 -20.25
CA HIS D 68 2.58 26.76 -18.99
C HIS D 68 3.78 27.69 -19.06
N THR D 69 3.78 28.70 -18.20
CA THR D 69 4.92 29.61 -18.09
C THR D 69 5.94 29.01 -17.13
N GLY D 70 5.51 28.01 -16.38
CA GLY D 70 6.38 27.31 -15.45
C GLY D 70 6.64 25.89 -15.90
N HIS D 71 6.38 24.93 -15.02
CA HIS D 71 6.60 23.53 -15.36
C HIS D 71 5.47 22.96 -16.20
N LEU D 72 5.76 21.86 -16.89
CA LEU D 72 4.77 21.21 -17.75
C LEU D 72 3.61 20.71 -16.90
N GLY D 73 2.39 21.03 -17.31
CA GLY D 73 1.20 20.57 -16.62
C GLY D 73 0.39 19.61 -17.46
N PHE D 74 -0.63 19.01 -16.85
CA PHE D 74 -1.50 18.07 -17.54
C PHE D 74 -2.62 18.81 -18.26
N TYR D 75 -2.81 20.08 -17.87
CA TYR D 75 -3.79 20.94 -18.51
C TYR D 75 -3.08 22.01 -19.34
N ALA D 76 -1.96 22.51 -18.81
CA ALA D 76 -1.12 23.45 -19.52
C ALA D 76 -0.10 22.69 -20.37
N ASP D 77 -0.47 22.39 -21.60
CA ASP D 77 0.34 21.53 -22.45
C ASP D 77 1.25 22.28 -23.42
N TRP D 78 0.96 23.56 -23.65
CA TRP D 78 1.72 24.32 -24.63
C TRP D 78 2.91 25.08 -24.04
N ARG D 79 4.03 25.06 -24.77
CA ARG D 79 5.24 25.76 -24.34
C ARG D 79 5.12 27.25 -24.64
N PRO D 80 5.66 28.09 -23.74
CA PRO D 80 5.59 29.55 -23.90
C PRO D 80 6.32 30.13 -25.11
N ALA D 81 7.56 29.72 -25.34
CA ALA D 81 8.37 30.26 -26.43
C ALA D 81 8.12 29.60 -27.78
N GLU D 82 6.98 28.92 -27.91
CA GLU D 82 6.58 28.35 -29.18
C GLU D 82 5.13 28.74 -29.47
N ALA D 83 4.60 29.63 -28.64
CA ALA D 83 3.23 30.12 -28.71
C ALA D 83 2.95 30.95 -29.97
N ASP D 84 4.03 31.36 -30.63
CA ASP D 84 3.97 32.17 -31.85
C ASP D 84 3.08 31.53 -32.92
N LYS D 85 3.22 30.23 -33.12
CA LYS D 85 2.47 29.50 -34.14
C LYS D 85 0.99 29.34 -33.77
N LEU D 86 0.68 29.51 -32.49
CA LEU D 86 -0.68 29.26 -31.98
C LEU D 86 -1.81 30.10 -32.55
N VAL D 87 -1.57 31.37 -32.76
CA VAL D 87 -2.61 32.27 -33.26
C VAL D 87 -3.14 31.84 -34.62
N LYS D 88 -2.25 31.40 -35.50
CA LYS D 88 -2.65 30.96 -36.84
C LYS D 88 -3.50 29.69 -36.79
N LEU D 89 -3.08 28.74 -35.97
CA LEU D 89 -3.77 27.46 -35.83
C LEU D 89 -5.12 27.57 -35.13
N LEU D 90 -5.26 28.55 -34.25
CA LEU D 90 -6.48 28.71 -33.47
C LEU D 90 -7.55 29.49 -34.24
N ALA D 91 -7.19 29.94 -35.44
CA ALA D 91 -8.13 30.70 -36.27
C ALA D 91 -8.84 29.79 -37.25
N LYS D 97 -10.84 18.49 -31.51
CA LYS D 97 -11.55 18.80 -30.27
C LYS D 97 -11.67 17.55 -29.41
N VAL D 98 -10.93 17.52 -28.31
CA VAL D 98 -10.98 16.40 -27.37
C VAL D 98 -11.81 16.73 -26.14
N SER D 99 -12.64 15.78 -25.69
CA SER D 99 -13.51 16.01 -24.55
C SER D 99 -13.14 15.11 -23.37
N TYR D 100 -13.05 15.70 -22.17
CA TYR D 100 -12.78 14.97 -20.95
C TYR D 100 -13.97 15.01 -20.00
N PRO D 101 -14.22 13.91 -19.28
CA PRO D 101 -15.33 13.81 -18.31
C PRO D 101 -15.16 14.74 -17.11
N LEU D 102 -16.26 15.05 -16.44
CA LEU D 102 -16.25 15.91 -15.26
C LEU D 102 -17.02 15.28 -14.09
N LEU D 103 -16.79 15.80 -12.89
CA LEU D 103 -17.45 15.29 -11.69
C LEU D 103 -18.50 16.26 -11.15
N LYS D 104 -19.70 15.74 -10.87
CA LYS D 104 -20.77 16.55 -10.29
C LYS D 104 -20.90 16.32 -8.78
N THR D 105 -20.75 17.39 -8.01
CA THR D 105 -20.87 17.31 -6.55
C THR D 105 -22.10 18.06 -6.04
N THR D 106 -22.99 17.33 -5.37
CA THR D 106 -24.22 17.91 -4.83
C THR D 106 -24.25 17.83 -3.30
N VAL D 107 -24.51 18.97 -2.66
CA VAL D 107 -24.54 19.02 -1.20
C VAL D 107 -25.95 19.30 -0.67
N LYS D 108 -26.37 18.49 0.30
CA LYS D 108 -27.70 18.63 0.90
C LYS D 108 -27.60 18.95 2.38
N LYS D 114 -33.12 22.35 -0.72
CA LYS D 114 -32.02 23.17 -1.20
C LYS D 114 -30.78 22.33 -1.50
N GLU D 115 -30.41 22.28 -2.78
CA GLU D 115 -29.25 21.49 -3.21
C GLU D 115 -28.21 22.37 -3.88
N ALA D 116 -26.94 22.14 -3.54
CA ALA D 116 -25.84 22.94 -4.07
C ALA D 116 -25.00 22.06 -4.99
N THR D 117 -24.92 22.45 -6.27
CA THR D 117 -24.18 21.67 -7.25
C THR D 117 -22.82 22.28 -7.55
N TYR D 118 -21.83 21.40 -7.73
CA TYR D 118 -20.48 21.83 -8.06
C TYR D 118 -19.93 21.01 -9.22
N LEU D 119 -19.02 21.61 -9.98
CA LEU D 119 -18.41 20.93 -11.11
C LEU D 119 -16.91 20.83 -10.90
N ALA D 120 -16.36 19.61 -11.01
CA ALA D 120 -14.94 19.40 -10.75
C ALA D 120 -14.19 18.96 -12.00
N LEU D 121 -13.05 19.61 -12.25
CA LEU D 121 -12.18 19.23 -13.34
C LEU D 121 -11.18 18.18 -12.86
N ASN D 122 -10.63 18.39 -11.66
CA ASN D 122 -9.71 17.42 -11.07
C ASN D 122 -10.48 16.41 -10.22
N GLU D 123 -10.93 16.84 -9.05
CA GLU D 123 -11.70 15.95 -8.16
C GLU D 123 -12.42 16.78 -7.10
N SER D 124 -13.21 16.10 -6.27
CA SER D 124 -13.84 16.76 -5.15
C SER D 124 -13.62 15.92 -3.89
N THR D 125 -13.03 16.53 -2.86
CA THR D 125 -12.71 15.82 -1.64
C THR D 125 -13.49 16.36 -0.44
N VAL D 126 -13.74 15.48 0.53
CA VAL D 126 -14.43 15.88 1.76
C VAL D 126 -13.70 15.37 2.99
N LYS D 127 -13.18 16.30 3.80
CA LYS D 127 -12.52 15.94 5.05
C LYS D 127 -13.34 16.50 6.21
N SER D 128 -12.81 16.42 7.42
CA SER D 128 -13.55 16.93 8.57
C SER D 128 -13.29 18.42 8.78
N SER D 129 -13.67 18.93 9.95
CA SER D 129 -13.48 20.33 10.28
C SER D 129 -12.85 20.47 11.66
N GLY D 130 -12.68 19.34 12.34
CA GLY D 130 -12.09 19.31 13.66
C GLY D 130 -11.47 17.95 13.96
N GLY D 131 -12.24 17.09 14.60
CA GLY D 131 -11.77 15.77 14.95
C GLY D 131 -11.94 14.75 13.83
N PRO D 132 -12.54 13.60 14.16
CA PRO D 132 -12.71 12.47 13.24
C PRO D 132 -13.70 12.75 12.10
N PHE D 133 -13.45 12.12 10.95
CA PHE D 133 -14.36 12.19 9.82
C PHE D 133 -15.05 10.84 9.65
N VAL D 134 -16.31 10.76 10.07
CA VAL D 134 -17.04 9.50 10.02
C VAL D 134 -18.30 9.63 9.18
N VAL D 135 -18.34 8.90 8.06
CA VAL D 135 -19.50 8.91 7.19
C VAL D 135 -19.87 7.49 6.73
N ASP D 136 -21.04 7.36 6.13
CA ASP D 136 -21.47 6.09 5.55
C ASP D 136 -21.50 6.21 4.04
N VAL D 137 -20.73 5.36 3.37
CA VAL D 137 -20.68 5.39 1.91
C VAL D 137 -21.84 4.61 1.33
N VAL D 138 -22.72 5.31 0.63
CA VAL D 138 -23.90 4.70 0.04
C VAL D 138 -23.82 4.70 -1.48
N ILE D 139 -23.72 3.51 -2.06
CA ILE D 139 -23.61 3.36 -3.50
C ILE D 139 -24.93 2.92 -4.10
N ASN D 140 -25.51 3.79 -4.93
CA ASN D 140 -26.80 3.51 -5.58
C ASN D 140 -27.88 3.13 -4.57
N ASP D 141 -28.12 4.01 -3.61
CA ASP D 141 -29.12 3.83 -2.57
C ASP D 141 -28.90 2.58 -1.72
N ILE D 142 -27.65 2.11 -1.68
CA ILE D 142 -27.29 0.94 -0.88
C ILE D 142 -26.02 1.20 -0.08
N HIS D 143 -26.08 0.91 1.22
CA HIS D 143 -24.92 1.12 2.10
C HIS D 143 -23.78 0.19 1.70
N PHE D 144 -22.57 0.73 1.66
CA PHE D 144 -21.41 -0.05 1.27
C PHE D 144 -20.43 -0.21 2.42
N GLU D 145 -20.14 0.88 3.11
CA GLU D 145 -19.18 0.85 4.21
C GLU D 145 -19.34 2.08 5.10
N ARG D 146 -18.84 1.99 6.32
CA ARG D 146 -18.79 3.14 7.21
C ARG D 146 -17.34 3.61 7.37
N PHE D 147 -17.05 4.78 6.82
CA PHE D 147 -15.68 5.28 6.75
C PHE D 147 -15.28 6.07 7.99
N ARG D 148 -14.02 5.96 8.37
CA ARG D 148 -13.45 6.78 9.44
C ARG D 148 -11.97 7.07 9.17
N GLY D 149 -11.65 8.34 8.99
CA GLY D 149 -10.28 8.74 8.73
C GLY D 149 -10.16 10.23 8.46
N ASP D 150 -9.31 10.60 7.51
CA ASP D 150 -9.13 12.00 7.15
C ASP D 150 -10.24 12.47 6.22
N GLY D 151 -10.54 11.66 5.20
CA GLY D 151 -11.58 12.02 4.26
C GLY D 151 -11.68 11.09 3.06
N LEU D 152 -12.42 11.52 2.06
CA LEU D 152 -12.59 10.73 0.83
C LEU D 152 -12.32 11.59 -0.40
N CYS D 153 -11.84 10.96 -1.46
CA CYS D 153 -11.48 11.68 -2.68
C CYS D 153 -12.10 11.03 -3.93
N MET D 154 -13.08 11.71 -4.51
CA MET D 154 -13.68 11.26 -5.76
C MET D 154 -13.03 11.96 -6.94
N SER D 155 -12.33 11.21 -7.78
CA SER D 155 -11.50 11.82 -8.82
C SER D 155 -12.02 11.63 -10.24
N THR D 156 -11.72 12.61 -11.09
CA THR D 156 -11.98 12.52 -12.52
C THR D 156 -10.83 11.78 -13.20
N PRO D 157 -11.09 11.20 -14.39
CA PRO D 157 -10.02 10.51 -15.13
C PRO D 157 -8.80 11.40 -15.39
N SER D 158 -9.03 12.66 -15.72
CA SER D 158 -7.93 13.60 -15.97
C SER D 158 -7.32 14.09 -14.66
N GLY D 159 -8.08 13.94 -13.58
CA GLY D 159 -7.63 14.38 -12.27
C GLY D 159 -6.93 13.29 -11.48
N THR D 160 -6.81 12.10 -12.08
CA THR D 160 -6.16 10.97 -11.42
C THR D 160 -4.68 11.20 -11.22
N THR D 161 -4.08 12.02 -12.09
CA THR D 161 -2.65 12.30 -12.03
C THR D 161 -2.34 13.38 -11.00
N ALA D 162 -3.37 13.83 -10.28
CA ALA D 162 -3.20 14.89 -9.28
C ALA D 162 -3.20 14.32 -7.87
N TYR D 163 -4.15 14.77 -7.06
CA TYR D 163 -4.26 14.32 -5.67
C TYR D 163 -4.54 12.83 -5.59
N ASN D 164 -5.29 12.33 -6.57
CA ASN D 164 -5.65 10.92 -6.63
C ASN D 164 -4.45 9.97 -6.61
N LYS D 165 -3.41 10.33 -7.38
CA LYS D 165 -2.22 9.50 -7.48
C LYS D 165 -1.45 9.46 -6.15
N SER D 166 -1.40 10.61 -5.49
CA SER D 166 -0.68 10.74 -4.22
C SER D 166 -1.35 9.91 -3.12
N LEU D 167 -2.65 9.71 -3.25
CA LEU D 167 -3.42 8.95 -2.27
C LEU D 167 -3.41 7.46 -2.57
N GLY D 168 -2.70 7.07 -3.62
CA GLY D 168 -2.56 5.67 -3.98
C GLY D 168 -3.58 5.21 -5.00
N GLY D 169 -4.24 6.15 -5.67
CA GLY D 169 -5.23 5.81 -6.66
C GLY D 169 -4.61 5.35 -7.96
N ALA D 170 -5.45 4.78 -8.83
CA ALA D 170 -4.98 4.29 -10.12
C ALA D 170 -5.06 5.38 -11.18
N LEU D 171 -4.19 5.31 -12.18
CA LEU D 171 -4.22 6.29 -13.27
C LEU D 171 -5.05 5.76 -14.44
N MET D 172 -6.18 6.40 -14.70
CA MET D 172 -7.06 5.99 -15.79
C MET D 172 -7.01 7.01 -16.93
N HIS D 173 -7.12 6.52 -18.16
CA HIS D 173 -7.09 7.38 -19.34
C HIS D 173 -8.38 8.18 -19.47
N PRO D 174 -8.26 9.49 -19.77
CA PRO D 174 -9.37 10.44 -19.85
C PRO D 174 -10.42 10.12 -20.90
N SER D 175 -10.17 9.14 -21.76
CA SER D 175 -11.15 8.72 -22.75
C SER D 175 -12.25 7.88 -22.10
N ILE D 176 -11.99 7.46 -20.86
CA ILE D 176 -12.95 6.67 -20.10
C ILE D 176 -13.87 7.57 -19.28
N GLU D 177 -15.18 7.47 -19.51
CA GLU D 177 -16.14 8.26 -18.76
C GLU D 177 -16.47 7.60 -17.43
N ALA D 178 -15.73 7.97 -16.39
CA ALA D 178 -15.91 7.38 -15.07
C ALA D 178 -15.41 8.30 -13.97
N MET D 179 -15.43 7.80 -12.74
CA MET D 179 -14.92 8.54 -11.58
C MET D 179 -14.30 7.58 -10.58
N GLN D 180 -13.25 8.04 -9.90
CA GLN D 180 -12.52 7.17 -8.98
C GLN D 180 -12.54 7.67 -7.54
N LEU D 181 -12.93 6.80 -6.62
CA LEU D 181 -12.97 7.14 -5.20
C LEU D 181 -11.81 6.52 -4.44
N THR D 182 -11.03 7.36 -3.75
CA THR D 182 -9.91 6.88 -2.96
C THR D 182 -10.04 7.27 -1.50
N GLU D 183 -9.45 6.48 -0.62
CA GLU D 183 -9.51 6.73 0.81
C GLU D 183 -8.38 7.62 1.29
N MET D 184 -8.65 8.43 2.31
CA MET D 184 -7.64 9.28 2.91
C MET D 184 -7.39 8.91 4.36
N ALA D 185 -6.34 8.12 4.60
CA ALA D 185 -5.94 7.71 5.94
C ALA D 185 -7.08 7.05 6.72
N SER D 186 -7.62 5.98 6.17
CA SER D 186 -8.69 5.23 6.82
C SER D 186 -8.13 4.39 7.95
N ILE D 187 -8.86 4.32 9.07
CA ILE D 187 -8.44 3.52 10.20
C ILE D 187 -8.68 2.04 9.89
N ASN D 188 -9.72 1.79 9.08
CA ASN D 188 -10.10 0.45 8.65
C ASN D 188 -9.97 -0.64 9.71
N ASN D 189 -10.91 -0.66 10.66
CA ASN D 189 -10.91 -1.68 11.71
C ASN D 189 -12.17 -2.55 11.64
N ARG D 190 -12.42 -3.27 12.72
CA ARG D 190 -13.55 -4.22 12.76
C ARG D 190 -14.89 -3.51 12.83
N VAL D 191 -14.89 -2.26 13.29
CA VAL D 191 -16.12 -1.49 13.42
C VAL D 191 -16.30 -0.62 12.18
N TYR D 192 -15.20 -0.04 11.70
CA TYR D 192 -15.23 0.79 10.49
C TYR D 192 -14.44 0.08 9.40
N ARG D 193 -15.05 -0.94 8.82
CA ARG D 193 -14.40 -1.75 7.78
C ARG D 193 -14.54 -1.12 6.40
N THR D 194 -13.45 -0.57 5.88
CA THR D 194 -13.45 0.03 4.55
C THR D 194 -12.85 -0.91 3.52
N ILE D 195 -13.13 -0.65 2.25
CA ILE D 195 -12.68 -1.52 1.16
C ILE D 195 -11.17 -1.40 0.93
N GLY D 196 -10.60 -0.24 1.23
CA GLY D 196 -9.18 -0.02 1.04
C GLY D 196 -8.80 0.30 -0.39
N SER D 197 -9.25 -0.55 -1.31
CA SER D 197 -8.96 -0.37 -2.73
C SER D 197 -9.75 0.80 -3.32
N PRO D 198 -9.14 1.54 -4.25
CA PRO D 198 -9.83 2.61 -4.97
C PRO D 198 -11.01 2.07 -5.78
N LEU D 199 -12.10 2.83 -5.83
CA LEU D 199 -13.31 2.39 -6.52
C LEU D 199 -13.61 3.25 -7.75
N VAL D 200 -13.76 2.59 -8.90
CA VAL D 200 -14.06 3.29 -10.15
C VAL D 200 -15.52 3.09 -10.56
N PHE D 201 -16.27 4.20 -10.57
CA PHE D 201 -17.70 4.15 -10.92
C PHE D 201 -17.95 4.71 -12.31
N PRO D 202 -18.79 4.03 -13.10
CA PRO D 202 -19.16 4.49 -14.44
C PRO D 202 -20.20 5.59 -14.41
N LYS D 203 -20.79 5.91 -15.55
CA LYS D 203 -21.82 6.94 -15.62
C LYS D 203 -23.10 6.48 -14.94
N HIS D 204 -23.92 7.44 -14.51
CA HIS D 204 -25.20 7.17 -13.86
C HIS D 204 -25.07 6.40 -12.54
N HIS D 205 -23.86 6.34 -12.01
CA HIS D 205 -23.63 5.77 -10.68
C HIS D 205 -23.50 6.87 -9.65
N VAL D 206 -24.26 6.76 -8.57
CA VAL D 206 -24.27 7.79 -7.53
C VAL D 206 -23.67 7.30 -6.22
N VAL D 207 -22.65 8.00 -5.75
CA VAL D 207 -22.04 7.71 -4.46
C VAL D 207 -22.46 8.73 -3.42
N SER D 208 -23.28 8.30 -2.46
CA SER D 208 -23.82 9.20 -1.45
C SER D 208 -23.09 9.06 -0.13
N LEU D 209 -22.50 10.16 0.32
CA LEU D 209 -21.81 10.19 1.61
C LEU D 209 -22.74 10.74 2.68
N GLN D 210 -23.01 9.94 3.71
CA GLN D 210 -23.93 10.35 4.76
C GLN D 210 -23.27 10.36 6.14
N PRO D 211 -23.41 11.49 6.85
CA PRO D 211 -22.84 11.73 8.18
C PRO D 211 -23.42 10.81 9.26
N VAL D 212 -22.72 10.74 10.39
CA VAL D 212 -23.18 9.96 11.55
C VAL D 212 -23.51 10.92 12.68
N ASN D 213 -22.48 11.55 13.24
CA ASN D 213 -22.68 12.51 14.32
C ASN D 213 -22.43 13.94 13.84
N ASP D 214 -21.16 14.30 13.67
CA ASP D 214 -20.83 15.64 13.23
C ASP D 214 -21.27 15.84 11.78
N LYS D 215 -21.73 17.05 11.47
CA LYS D 215 -22.25 17.35 10.14
C LYS D 215 -21.55 18.55 9.54
N ASP D 216 -20.44 18.96 10.15
CA ASP D 216 -19.66 20.08 9.63
C ASP D 216 -18.34 19.56 9.07
N PHE D 217 -18.25 19.54 7.74
CA PHE D 217 -17.08 19.02 7.04
C PHE D 217 -16.51 20.06 6.09
N GLN D 218 -15.24 19.88 5.73
CA GLN D 218 -14.59 20.74 4.74
C GLN D 218 -14.70 20.12 3.35
N ILE D 219 -15.64 20.62 2.56
CA ILE D 219 -15.84 20.11 1.20
C ILE D 219 -14.95 20.88 0.24
N SER D 220 -14.10 20.15 -0.46
CA SER D 220 -13.15 20.75 -1.40
C SER D 220 -13.37 20.33 -2.86
N VAL D 221 -13.51 21.32 -3.73
CA VAL D 221 -13.55 21.05 -5.17
C VAL D 221 -12.41 21.81 -5.82
N ASP D 222 -11.46 21.08 -6.41
CA ASP D 222 -10.27 21.68 -7.00
C ASP D 222 -9.61 22.62 -5.98
N HIS D 223 -9.60 22.16 -4.71
CA HIS D 223 -9.10 22.91 -3.57
C HIS D 223 -9.85 24.21 -3.35
N LEU D 224 -11.09 24.28 -3.83
CA LEU D 224 -11.92 25.44 -3.51
C LEU D 224 -12.70 24.95 -2.31
N SER D 225 -12.01 25.00 -1.18
CA SER D 225 -12.49 24.49 0.09
C SER D 225 -13.41 25.45 0.80
N ILE D 226 -14.70 25.09 0.87
CA ILE D 226 -15.67 25.92 1.56
C ILE D 226 -16.17 25.13 2.76
N LEU D 227 -16.59 25.85 3.79
CA LEU D 227 -17.10 25.18 4.99
C LEU D 227 -18.60 25.06 4.89
N HIS D 228 -19.08 23.82 4.81
CA HIS D 228 -20.51 23.57 4.73
C HIS D 228 -21.05 23.08 6.07
N ARG D 229 -21.98 23.84 6.64
CA ARG D 229 -22.57 23.47 7.91
C ARG D 229 -23.91 22.79 7.70
N ASP D 230 -24.26 21.90 8.63
CA ASP D 230 -25.52 21.17 8.57
C ASP D 230 -25.67 20.40 7.25
N VAL D 231 -24.67 19.57 6.95
CA VAL D 231 -24.69 18.78 5.72
C VAL D 231 -25.43 17.47 5.98
N GLN D 232 -26.35 17.13 5.09
CA GLN D 232 -27.14 15.91 5.23
C GLN D 232 -26.71 14.83 4.24
N GLU D 233 -26.20 15.26 3.09
CA GLU D 233 -25.83 14.32 2.04
C GLU D 233 -24.87 14.94 1.02
N ILE D 234 -23.87 14.16 0.61
CA ILE D 234 -22.94 14.56 -0.43
C ILE D 234 -22.93 13.53 -1.55
N ARG D 235 -23.47 13.90 -2.71
CA ARG D 235 -23.64 12.96 -3.81
C ARG D 235 -22.57 13.13 -4.89
N TYR D 236 -22.02 12.01 -5.33
CA TYR D 236 -21.03 12.01 -6.40
C TYR D 236 -21.52 11.24 -7.62
N GLU D 237 -21.35 11.83 -8.80
CA GLU D 237 -21.72 11.17 -10.05
C GLU D 237 -21.00 11.80 -11.23
N VAL D 238 -20.80 11.01 -12.28
CA VAL D 238 -20.16 11.51 -13.48
C VAL D 238 -21.05 12.53 -14.18
N SER D 239 -20.59 13.76 -14.26
CA SER D 239 -21.36 14.84 -14.86
C SER D 239 -21.58 14.62 -16.35
N ALA D 240 -22.71 15.11 -16.86
CA ALA D 240 -23.02 14.98 -18.28
C ALA D 240 -22.23 16.01 -19.09
N LYS D 241 -21.77 17.06 -18.42
CA LYS D 241 -20.97 18.09 -19.07
C LYS D 241 -19.52 17.65 -19.19
N LYS D 242 -18.89 17.98 -20.32
CA LYS D 242 -17.50 17.62 -20.54
C LYS D 242 -16.69 18.83 -20.95
N ILE D 243 -15.42 18.86 -20.56
CA ILE D 243 -14.52 19.95 -20.94
C ILE D 243 -13.87 19.66 -22.29
N HIS D 244 -13.84 20.66 -23.15
CA HIS D 244 -13.31 20.48 -24.50
C HIS D 244 -11.95 21.16 -24.68
N PHE D 245 -11.02 20.43 -25.27
CA PHE D 245 -9.69 20.97 -25.55
C PHE D 245 -9.50 21.15 -27.04
N ALA D 246 -8.72 22.16 -27.43
CA ALA D 246 -8.42 22.41 -28.83
C ALA D 246 -7.16 21.65 -29.21
N ARG D 247 -7.32 20.58 -29.98
CA ARG D 247 -6.21 19.73 -30.36
C ARG D 247 -5.57 20.23 -31.65
N PHE D 248 -4.27 20.48 -31.59
CA PHE D 248 -3.51 20.93 -32.74
C PHE D 248 -2.44 19.88 -33.08
N ARG D 249 -1.65 19.52 -32.09
CA ARG D 249 -0.67 18.46 -32.28
C ARG D 249 -1.14 17.22 -31.52
N SER D 250 -0.26 16.24 -31.34
CA SER D 250 -0.63 15.00 -30.69
C SER D 250 0.27 14.71 -29.49
N PHE D 251 -0.24 14.98 -28.29
CA PHE D 251 0.49 14.68 -27.06
C PHE D 251 -0.27 13.64 -26.25
N PRO D 252 0.07 12.35 -26.46
CA PRO D 252 -0.61 11.24 -25.78
C PRO D 252 -0.61 11.41 -24.26
N PHE D 253 -1.68 10.96 -23.61
CA PHE D 253 -1.84 11.12 -22.17
C PHE D 253 -0.76 10.37 -21.40
N TRP D 254 -0.44 9.17 -21.85
CA TRP D 254 0.54 8.33 -21.16
C TRP D 254 1.96 8.87 -21.30
N ARG D 255 2.21 9.61 -22.39
CA ARG D 255 3.49 10.26 -22.58
C ARG D 255 3.61 11.42 -21.60
N ARG D 256 2.48 12.09 -21.39
CA ARG D 256 2.41 13.21 -20.44
C ARG D 256 2.60 12.70 -19.01
N VAL D 257 2.14 11.48 -18.77
CA VAL D 257 2.39 10.82 -17.49
C VAL D 257 3.84 10.37 -17.40
N HIS D 258 4.36 9.88 -18.52
CA HIS D 258 5.73 9.38 -18.60
C HIS D 258 6.76 10.48 -18.32
N ASP D 259 6.58 11.61 -18.99
CA ASP D 259 7.52 12.73 -18.89
C ASP D 259 7.47 13.38 -17.50
N SER D 260 6.41 13.11 -16.75
CA SER D 260 6.23 13.74 -15.45
C SER D 260 6.82 12.90 -14.33
N PHE D 261 6.53 11.60 -14.32
CA PHE D 261 6.91 10.76 -13.20
C PHE D 261 8.10 9.86 -13.51
N ILE D 262 8.21 9.45 -14.77
CA ILE D 262 9.26 8.51 -15.19
C ILE D 262 10.44 9.26 -15.79
N GLU D 263 10.34 10.59 -15.82
CA GLU D 263 11.34 11.47 -16.46
C GLU D 263 11.38 11.22 -17.96
C1 CIT E . 28.08 1.26 11.23
O1 CIT E . 27.42 0.80 12.18
O2 CIT E . 29.33 1.14 11.27
C2 CIT E . 27.43 1.95 10.04
C3 CIT E . 25.93 1.70 9.89
O7 CIT E . 25.53 2.19 8.58
C4 CIT E . 25.12 2.44 10.94
C5 CIT E . 25.08 3.91 10.66
O3 CIT E . 24.06 4.43 10.15
O4 CIT E . 26.05 4.65 10.95
C6 CIT E . 25.58 0.22 9.95
O5 CIT E . 24.39 -0.12 10.09
O6 CIT E . 26.45 -0.68 9.85
C1 GOL F . 3.20 -11.55 -4.45
O1 GOL F . 2.71 -10.24 -4.59
C2 GOL F . 4.41 -11.75 -5.36
O2 GOL F . 4.89 -10.49 -5.78
C3 GOL F . 4.01 -12.56 -6.58
O3 GOL F . 3.54 -13.83 -6.17
C2 5AG G . 13.18 -6.63 -4.93
C4 5AG G . 13.67 -8.87 -4.65
C5 5AG G . 12.52 -9.23 -5.30
C6 5AG G . 11.68 -8.26 -5.78
N9 5AG G . 14.26 -10.00 -4.29
CAA 5AG G . 17.26 -7.78 -6.74
CAB 5AG G . 16.65 -8.69 -7.15
CAC 5AG G . 15.91 -9.83 -7.64
CAD 5AG G . 14.58 -9.74 -8.02
CBJ 5AG G . 16.59 -11.02 -7.73
CBI 5AG G . 15.95 -12.15 -8.18
CBH 5AG G . 14.62 -12.08 -8.56
CAE 5AG G . 13.95 -10.88 -8.48
CAF 5AG G . 12.51 -10.87 -8.92
CAG 5AG G . 11.83 -12.15 -8.44
NAH 5AG G . 12.08 -12.30 -7.00
CAI 5AG G . 11.85 -13.42 -6.34
OBG 5AG G . 11.39 -14.43 -6.84
CAJ 5AG G . 12.21 -13.35 -4.86
SAK 5AG G . 13.83 -12.61 -4.52
C8 5AG G . 13.50 -10.99 -4.73
N7 5AG G . 12.43 -10.55 -5.35
N6 5AG G . 10.58 -8.65 -6.40
N1 5AG G . 12.00 -6.94 -5.60
N3 5AG G . 13.97 -7.58 -4.48
CAV 5AG G . 15.50 -10.18 -3.60
OBF 5AG G . 15.97 -11.27 -4.35
CAW 5AG G . 15.36 -10.77 -2.21
OAX 5AG G . 15.96 -9.89 -1.29
CAY 5AG G . 16.22 -12.03 -2.26
OAZ 5AG G . 17.15 -12.06 -1.17
CBA 5AG G . 16.99 -11.76 -3.51
CBB 5AG G . 17.55 -13.10 -3.93
NBC 5AG G . 18.95 -12.89 -4.24
NBD 5AG G . 19.27 -12.43 -5.41
NBE 5AG G . 19.59 -11.97 -6.58
C1 CIT H . 3.34 -7.70 25.39
O1 CIT H . 2.43 -7.09 24.78
O2 CIT H . 3.28 -8.94 25.50
C2 CIT H . 4.51 -6.93 25.97
C3 CIT H . 3.99 -5.69 26.69
O7 CIT H . 2.66 -5.40 26.19
C4 CIT H . 4.85 -4.44 26.44
C5 CIT H . 6.34 -4.69 26.59
O3 CIT H . 7.14 -4.03 25.90
O4 CIT H . 6.80 -5.53 27.40
C6 CIT H . 3.87 -5.94 28.18
O5 CIT H . 3.00 -5.32 28.86
O6 CIT H . 4.62 -6.75 28.75
C2 5AG I . -6.52 7.22 12.50
C4 5AG I . -5.89 9.19 13.44
C5 5AG I . -6.14 9.86 12.29
C6 5AG I . -6.59 9.17 11.21
N9 5AG I . -5.46 10.06 14.31
CAA 5AG I . -8.61 10.08 16.84
CAB 5AG I . -8.79 10.46 15.74
CAC 5AG I . -9.04 10.89 14.41
CAD 5AG I . -8.72 12.18 13.97
CBJ 5AG I . -9.63 9.98 13.60
CBI 5AG I . -9.88 10.35 12.31
CBH 5AG I . -9.55 11.61 11.85
CAE 5AG I . -8.98 12.53 12.66
CAF 5AG I . -8.65 13.89 12.06
CAG 5AG I . -7.75 13.69 10.87
NAH 5AG I . -6.56 13.25 11.55
CAI 5AG I . -5.81 14.13 12.18
OBG 5AG I . -6.05 15.32 12.17
CAJ 5AG I . -4.61 13.60 12.89
SAK 5AG I . -5.00 12.67 14.39
C8 5AG I . -5.46 11.22 13.71
N7 5AG I . -5.89 11.13 12.49
N6 5AG I . -6.85 9.80 10.11
N1 5AG I . -6.79 7.84 11.31
N3 5AG I . -6.08 7.89 13.51
CAV 5AG I . -5.06 9.71 15.66
OBF 5AG I . -5.91 10.28 16.60
CAW 5AG I . -3.76 10.45 15.87
OAX 5AG I . -2.80 9.54 16.31
CAY 5AG I . -4.09 11.33 17.04
OAZ 5AG I . -2.95 11.39 17.83
CBA 5AG I . -5.10 10.43 17.67
CBB 5AG I . -6.03 11.13 18.63
NBC 5AG I . -6.29 12.46 18.14
NBD 5AG I . -7.46 12.82 18.06
NBE 5AG I . -8.67 13.17 17.98
C2 5AG J . -6.16 -13.20 -4.79
C4 5AG J . -5.73 -14.51 -6.56
C5 5AG J . -4.46 -14.70 -6.13
C6 5AG J . -4.04 -14.11 -5.00
N9 5AG J . -5.84 -15.20 -7.65
CAA 5AG J . -6.63 -16.54 -2.96
CAB 5AG J . -5.96 -17.14 -3.68
CAC 5AG J . -5.12 -17.86 -4.54
CAD 5AG J . -3.78 -17.74 -4.43
CBJ 5AG J . -5.68 -18.69 -5.47
CBI 5AG J . -4.88 -19.41 -6.31
CBH 5AG J . -3.53 -19.28 -6.20
CAE 5AG J . -2.98 -18.46 -5.27
CAF 5AG J . -1.50 -18.32 -5.19
CAG 5AG J . -0.89 -17.48 -6.31
NAH 5AG J . -1.89 -16.90 -7.21
CAI 5AG J . -1.60 -16.65 -8.45
OBG 5AG J . -0.51 -16.87 -8.91
CAJ 5AG J . -2.65 -16.07 -9.34
SAK 5AG J . -4.32 -16.69 -9.12
C8 5AG J . -4.69 -15.75 -7.87
N7 5AG J . -3.84 -15.46 -6.96
N6 5AG J . -2.81 -14.34 -4.64
N1 5AG J . -4.90 -13.34 -4.31
N3 5AG J . -6.54 -13.76 -5.88
CAV 5AG J . -6.98 -15.30 -8.51
OBF 5AG J . -7.09 -16.63 -8.79
CAW 5AG J . -6.48 -14.69 -9.81
OAX 5AG J . -7.27 -13.61 -10.20
CAY 5AG J . -6.69 -15.75 -10.80
OAZ 5AG J . -7.39 -15.13 -11.82
CBA 5AG J . -7.60 -16.67 -10.09
CBB 5AG J . -7.32 -18.04 -10.67
NBC 5AG J . -7.70 -19.14 -9.78
NBD 5AG J . -8.69 -19.00 -8.97
NBE 5AG J . -9.69 -18.86 -8.13
C2 5AG K . -1.22 16.29 -6.13
C4 5AG K . -2.75 17.65 -5.12
C5 5AG K . -2.15 17.48 -3.92
C6 5AG K . -1.05 16.68 -3.83
N9 5AG K . -3.77 18.43 -4.98
CAA 5AG K . 2.50 19.25 -4.18
CAB 5AG K . 1.58 19.68 -3.62
CAC 5AG K . 0.46 20.21 -2.95
CAD 5AG K . 0.41 20.13 -1.59
CBJ 5AG K . -0.55 20.80 -3.66
CBI 5AG K . -1.61 21.30 -2.97
CBH 5AG K . -1.67 21.22 -1.60
CAE 5AG K . -0.67 20.61 -0.89
CAF 5AG K . -0.64 20.49 0.62
CAG 5AG K . -1.83 19.79 1.30
NAH 5AG K . -2.74 19.16 0.36
CAI 5AG K . -3.70 19.83 -0.21
OBG 5AG K . -3.85 21.01 0.00
CAJ 5AG K . -4.59 19.03 -1.16
SAK 5AG K . -4.83 19.72 -2.83
C8 5AG K . -3.78 18.74 -3.69
N7 5AG K . -2.81 18.16 -3.04
N6 5AG K . -0.43 16.49 -2.70
N1 5AG K . -0.57 16.09 -4.95
N3 5AG K . -2.27 17.05 -6.19
CAV 5AG K . -4.62 18.75 -6.15
OBF 5AG K . -4.10 19.94 -6.57
CAW 5AG K . -6.12 18.95 -5.92
OAX 5AG K . -6.90 17.91 -6.51
CAY 5AG K . -6.45 20.15 -6.72
OAZ 5AG K . -7.02 19.71 -7.94
CBA 5AG K . -5.13 20.80 -6.98
CBB 5AG K . -5.26 21.81 -5.91
NBC 5AG K . -4.66 23.07 -6.32
NBD 5AG K . -3.40 23.21 -6.52
NBE 5AG K . -2.16 23.39 -6.74
#